data_3Q8U
#
_entry.id   3Q8U
#
_cell.length_a   68.270
_cell.length_b   103.065
_cell.length_c   127.000
_cell.angle_alpha   90.00
_cell.angle_beta   90.00
_cell.angle_gamma   90.00
#
_symmetry.space_group_name_H-M   'P 21 21 21'
#
loop_
_entity.id
_entity.type
_entity.pdbx_description
1 polymer 'Nucleoside diphosphate kinase'
2 non-polymer "ADENOSINE-5'-DIPHOSPHATE"
3 non-polymer 'MAGNESIUM ION'
4 water water
#
_entity_poly.entity_id   1
_entity_poly.type   'polypeptide(L)'
_entity_poly.pdbx_seq_one_letter_code
;MERTFLMIKPDAVQRNLIGEVISRIERKGLKLVGGKLMQVPMELAETHYGEHQGKPFYNDLISFITSAPVFAMVVEGEDA
VNVSRHIIGSTNPSEASPGSIRGDLGLTVGRNIIHGSDSLESAEREINLWFNENEITSYASPRDAWLYELEHHHHHH
;
_entity_poly.pdbx_strand_id   A,B,C,D,E,F
#
loop_
_chem_comp.id
_chem_comp.type
_chem_comp.name
_chem_comp.formula
ADP non-polymer ADENOSINE-5'-DIPHOSPHATE 'C10 H15 N5 O10 P2'
MG non-polymer 'MAGNESIUM ION' 'Mg 2'
#
# COMPACT_ATOMS: atom_id res chain seq x y z
N MET A 1 -7.06 -17.32 -24.73
CA MET A 1 -7.88 -16.76 -23.64
C MET A 1 -8.47 -15.40 -24.07
N GLU A 2 -9.67 -15.09 -23.57
CA GLU A 2 -10.34 -13.82 -23.91
C GLU A 2 -9.49 -12.59 -23.62
N ARG A 3 -9.56 -11.60 -24.52
CA ARG A 3 -8.81 -10.35 -24.33
C ARG A 3 -9.64 -9.07 -24.40
N THR A 4 -9.21 -8.02 -23.70
CA THR A 4 -9.90 -6.74 -23.81
C THR A 4 -8.86 -5.63 -24.02
N PHE A 5 -9.30 -4.45 -24.43
CA PHE A 5 -8.41 -3.32 -24.54
C PHE A 5 -8.56 -2.40 -23.32
N LEU A 6 -7.49 -2.13 -22.63
CA LEU A 6 -7.52 -1.17 -21.49
C LEU A 6 -6.52 -0.06 -21.85
N MET A 7 -6.76 1.13 -21.33
CA MET A 7 -5.95 2.29 -21.61
C MET A 7 -5.95 3.22 -20.41
N ILE A 8 -4.80 3.42 -19.82
CA ILE A 8 -4.60 4.41 -18.82
C ILE A 8 -4.56 5.81 -19.48
N LYS A 9 -5.52 6.66 -19.15
CA LYS A 9 -5.67 7.96 -19.78
C LYS A 9 -4.68 9.04 -19.31
N PRO A 10 -4.68 10.20 -19.97
CA PRO A 10 -3.64 11.16 -19.66
C PRO A 10 -3.78 11.79 -18.27
N ASP A 11 -4.99 11.82 -17.71
CA ASP A 11 -5.11 12.28 -16.33
C ASP A 11 -4.35 11.36 -15.40
N ALA A 12 -4.50 10.06 -15.56
CA ALA A 12 -3.74 9.17 -14.62
C ALA A 12 -2.23 9.25 -14.90
N VAL A 13 -1.89 9.30 -16.18
CA VAL A 13 -0.47 9.53 -16.57
C VAL A 13 0.11 10.80 -15.91
N GLN A 14 -0.60 11.90 -16.03
CA GLN A 14 -0.12 13.20 -15.51
C GLN A 14 -0.26 13.31 -14.00
N ARG A 15 -0.94 12.34 -13.42
CA ARG A 15 -1.05 12.25 -11.98
C ARG A 15 -0.09 11.24 -11.34
N ASN A 16 0.79 10.65 -12.15
CA ASN A 16 1.74 9.65 -11.73
C ASN A 16 1.09 8.44 -10.99
N LEU A 17 0.04 7.90 -11.61
CA LEU A 17 -0.76 6.81 -11.10
C LEU A 17 -0.65 5.58 -11.98
N ILE A 18 0.36 5.49 -12.84
CA ILE A 18 0.41 4.39 -13.81
C ILE A 18 0.61 3.09 -13.10
N GLY A 19 1.60 3.05 -12.21
CA GLY A 19 1.91 1.82 -11.44
C GLY A 19 0.73 1.36 -10.58
N GLU A 20 0.00 2.31 -9.99
CA GLU A 20 -1.12 2.03 -9.13
C GLU A 20 -2.27 1.44 -9.95
N VAL A 21 -2.52 1.96 -11.15
CA VAL A 21 -3.62 1.40 -11.95
C VAL A 21 -3.26 -0.05 -12.43
N ILE A 22 -2.05 -0.22 -12.96
CA ILE A 22 -1.53 -1.52 -13.31
C ILE A 22 -1.63 -2.57 -12.18
N SER A 23 -1.25 -2.18 -10.97
CA SER A 23 -1.33 -3.05 -9.78
C SER A 23 -2.73 -3.55 -9.54
N ARG A 24 -3.69 -2.63 -9.61
CA ARG A 24 -5.08 -3.04 -9.51
C ARG A 24 -5.48 -4.04 -10.60
N ILE A 25 -5.06 -3.84 -11.84
CA ILE A 25 -5.38 -4.82 -12.87
C ILE A 25 -4.69 -6.17 -12.56
N GLU A 26 -3.41 -6.12 -12.21
CA GLU A 26 -2.62 -7.35 -11.98
C GLU A 26 -3.17 -8.17 -10.82
N ARG A 27 -3.45 -7.48 -9.71
CA ARG A 27 -3.86 -8.18 -8.49
C ARG A 27 -5.23 -8.82 -8.67
N LYS A 28 -6.00 -8.32 -9.61
CA LYS A 28 -7.26 -8.99 -9.99
C LYS A 28 -7.05 -10.35 -10.70
N GLY A 29 -5.84 -10.65 -11.16
CA GLY A 29 -5.60 -11.87 -11.90
C GLY A 29 -5.51 -11.70 -13.42
N LEU A 30 -5.85 -10.52 -13.93
CA LEU A 30 -5.72 -10.20 -15.35
C LEU A 30 -4.23 -10.18 -15.77
N LYS A 31 -3.94 -10.68 -16.97
CA LYS A 31 -2.59 -10.80 -17.52
C LYS A 31 -2.31 -9.75 -18.62
N LEU A 32 -1.30 -8.93 -18.39
CA LEU A 32 -0.91 -7.94 -19.38
C LEU A 32 -0.19 -8.65 -20.50
N VAL A 33 -0.65 -8.48 -21.72
CA VAL A 33 -0.13 -9.28 -22.81
C VAL A 33 0.36 -8.30 -23.90
N GLY A 34 -0.17 -7.07 -23.88
CA GLY A 34 0.29 -5.99 -24.74
C GLY A 34 0.32 -4.81 -23.87
N GLY A 35 1.31 -3.94 -24.06
CA GLY A 35 1.48 -2.73 -23.24
C GLY A 35 2.42 -1.69 -23.82
N LYS A 36 1.94 -0.48 -24.09
CA LYS A 36 2.82 0.59 -24.61
C LYS A 36 2.40 1.99 -24.21
N LEU A 37 3.37 2.80 -23.82
CA LEU A 37 3.14 4.22 -23.56
C LEU A 37 3.24 4.88 -24.95
N MET A 38 2.25 5.70 -25.27
CA MET A 38 2.17 6.33 -26.57
C MET A 38 1.32 7.60 -26.53
N GLN A 39 1.65 8.47 -27.45
CA GLN A 39 0.87 9.63 -27.69
C GLN A 39 -0.23 9.22 -28.66
N VAL A 40 -1.44 9.68 -28.44
CA VAL A 40 -2.55 9.31 -29.33
C VAL A 40 -2.74 10.35 -30.43
N PRO A 41 -2.48 9.97 -31.70
CA PRO A 41 -2.76 10.87 -32.82
C PRO A 41 -4.25 11.18 -32.94
N MET A 42 -4.56 12.30 -33.55
CA MET A 42 -5.90 12.73 -33.72
C MET A 42 -6.74 11.67 -34.42
N GLU A 43 -6.28 11.13 -35.53
CA GLU A 43 -7.07 10.14 -36.26
C GLU A 43 -7.46 8.92 -35.39
N LEU A 44 -6.52 8.45 -34.57
CA LEU A 44 -6.77 7.29 -33.70
C LEU A 44 -7.79 7.65 -32.62
N ALA A 45 -7.65 8.85 -32.06
CA ALA A 45 -8.57 9.31 -31.04
C ALA A 45 -10.01 9.24 -31.58
N GLU A 46 -10.20 9.87 -32.74
CA GLU A 46 -11.52 9.96 -33.37
C GLU A 46 -12.16 8.62 -33.80
N THR A 47 -11.37 7.70 -34.33
CA THR A 47 -11.96 6.42 -34.68
C THR A 47 -12.23 5.61 -33.41
N HIS A 48 -11.35 5.72 -32.42
CA HIS A 48 -11.60 5.09 -31.11
C HIS A 48 -12.93 5.56 -30.50
N TYR A 49 -13.17 6.86 -30.55
CA TYR A 49 -14.31 7.46 -29.86
C TYR A 49 -15.47 7.85 -30.82
N GLY A 50 -15.45 7.26 -32.01
CA GLY A 50 -16.45 7.47 -33.08
C GLY A 50 -17.90 7.45 -32.65
N GLU A 51 -18.26 6.50 -31.79
CA GLU A 51 -19.66 6.33 -31.39
C GLU A 51 -20.19 7.57 -30.67
N HIS A 52 -19.28 8.41 -30.16
CA HIS A 52 -19.69 9.60 -29.39
C HIS A 52 -19.72 10.91 -30.19
N GLN A 53 -19.41 10.88 -31.48
CA GLN A 53 -19.44 12.09 -32.34
C GLN A 53 -20.68 13.01 -32.21
N GLY A 54 -21.85 12.43 -32.05
CA GLY A 54 -23.01 13.31 -31.74
C GLY A 54 -22.86 14.30 -30.56
N LYS A 55 -22.24 13.84 -29.47
CA LYS A 55 -22.53 14.34 -28.14
C LYS A 55 -21.80 15.65 -27.70
N PRO A 56 -22.33 16.36 -26.69
CA PRO A 56 -21.71 17.64 -26.24
C PRO A 56 -20.30 17.51 -25.67
N PHE A 57 -19.93 16.33 -25.14
CA PHE A 57 -18.57 16.15 -24.56
C PHE A 57 -17.54 15.80 -25.62
N TYR A 58 -17.99 15.44 -26.83
CA TYR A 58 -17.09 14.92 -27.86
C TYR A 58 -15.84 15.75 -28.05
N ASN A 59 -15.98 17.05 -28.25
CA ASN A 59 -14.78 17.85 -28.51
C ASN A 59 -13.78 17.85 -27.38
N ASP A 60 -14.29 17.92 -26.15
CA ASP A 60 -13.49 17.91 -24.95
C ASP A 60 -12.82 16.53 -24.77
N LEU A 61 -13.52 15.42 -25.07
CA LEU A 61 -12.93 14.08 -25.04
C LEU A 61 -11.75 13.96 -26.00
N ILE A 62 -11.97 14.32 -27.27
CA ILE A 62 -10.89 14.17 -28.25
C ILE A 62 -9.64 15.00 -27.83
N SER A 63 -9.87 16.25 -27.37
CA SER A 63 -8.77 17.10 -26.88
C SER A 63 -8.04 16.42 -25.78
N PHE A 64 -8.79 15.94 -24.78
CA PHE A 64 -8.22 15.32 -23.58
C PHE A 64 -7.36 14.13 -23.92
N ILE A 65 -7.90 13.23 -24.72
CA ILE A 65 -7.24 11.93 -24.94
C ILE A 65 -5.95 12.09 -25.77
N THR A 66 -5.88 13.20 -26.50
CA THR A 66 -4.73 13.53 -27.35
C THR A 66 -3.75 14.57 -26.70
N SER A 67 -3.96 14.91 -25.42
CA SER A 67 -3.16 15.94 -24.74
C SER A 67 -1.90 15.46 -24.01
N ALA A 68 -1.70 14.15 -23.91
CA ALA A 68 -0.49 13.64 -23.25
C ALA A 68 -0.53 12.11 -23.41
N PRO A 69 0.58 11.43 -23.13
CA PRO A 69 0.54 10.01 -23.46
C PRO A 69 -0.47 9.22 -22.61
N VAL A 70 -0.96 8.14 -23.18
CA VAL A 70 -1.77 7.15 -22.51
C VAL A 70 -0.92 5.87 -22.44
N PHE A 71 -1.31 4.96 -21.56
CA PHE A 71 -0.66 3.66 -21.59
C PHE A 71 -1.69 2.63 -22.12
N ALA A 72 -1.47 2.14 -23.35
CA ALA A 72 -2.46 1.23 -23.97
C ALA A 72 -2.07 -0.22 -23.65
N MET A 73 -3.08 -1.05 -23.40
CA MET A 73 -2.86 -2.41 -22.94
C MET A 73 -3.75 -3.39 -23.65
N VAL A 74 -3.27 -4.59 -23.82
CA VAL A 74 -4.22 -5.67 -24.09
C VAL A 74 -4.09 -6.57 -22.88
N VAL A 75 -5.21 -7.05 -22.37
CA VAL A 75 -5.22 -7.71 -21.09
C VAL A 75 -6.01 -9.00 -21.25
N GLU A 76 -5.51 -10.08 -20.69
CA GLU A 76 -6.05 -11.40 -20.93
C GLU A 76 -6.55 -12.02 -19.64
N GLY A 77 -7.60 -12.82 -19.72
CA GLY A 77 -8.10 -13.59 -18.62
C GLY A 77 -9.51 -14.12 -18.90
N GLU A 78 -9.93 -15.16 -18.21
CA GLU A 78 -11.30 -15.60 -18.33
C GLU A 78 -12.30 -14.41 -18.14
N ASP A 79 -13.25 -14.25 -19.07
CA ASP A 79 -14.27 -13.17 -18.98
C ASP A 79 -13.61 -11.78 -18.82
N ALA A 80 -12.40 -11.63 -19.39
CA ALA A 80 -11.62 -10.41 -19.20
C ALA A 80 -12.39 -9.11 -19.47
N VAL A 81 -13.29 -9.08 -20.46
CA VAL A 81 -13.95 -7.79 -20.80
C VAL A 81 -14.84 -7.31 -19.66
N ASN A 82 -15.77 -8.14 -19.22
CA ASN A 82 -16.65 -7.82 -18.08
C ASN A 82 -15.93 -7.72 -16.72
N VAL A 83 -14.98 -8.61 -16.46
CA VAL A 83 -14.13 -8.47 -15.31
C VAL A 83 -13.48 -7.05 -15.22
N SER A 84 -12.87 -6.60 -16.31
CA SER A 84 -12.17 -5.33 -16.28
C SER A 84 -13.20 -4.23 -16.05
N ARG A 85 -14.35 -4.30 -16.73
CA ARG A 85 -15.33 -3.23 -16.55
C ARG A 85 -15.74 -3.16 -15.09
N HIS A 86 -15.78 -4.33 -14.43
CA HIS A 86 -16.23 -4.44 -13.05
C HIS A 86 -15.23 -3.72 -12.14
N ILE A 87 -13.93 -3.86 -12.39
CA ILE A 87 -12.96 -3.28 -11.44
C ILE A 87 -12.73 -1.83 -11.77
N ILE A 88 -13.00 -1.47 -13.02
CA ILE A 88 -12.86 -0.07 -13.45
C ILE A 88 -13.98 0.76 -12.83
N GLY A 89 -15.23 0.28 -12.97
CA GLY A 89 -16.39 0.95 -12.37
C GLY A 89 -17.08 1.92 -13.32
N SER A 90 -18.21 2.46 -12.89
CA SER A 90 -19.07 3.35 -13.72
C SER A 90 -18.32 4.51 -14.37
N THR A 91 -18.79 4.88 -15.55
CA THR A 91 -18.24 6.01 -16.26
C THR A 91 -18.09 7.23 -15.38
N ASN A 92 -19.12 7.53 -14.59
CA ASN A 92 -19.08 8.64 -13.67
C ASN A 92 -18.41 8.13 -12.37
N PRO A 93 -17.24 8.70 -12.01
CA PRO A 93 -16.58 8.31 -10.74
C PRO A 93 -17.43 8.52 -9.44
N SER A 94 -18.47 9.35 -9.49
CA SER A 94 -19.30 9.55 -8.29
C SER A 94 -20.38 8.49 -8.22
N GLU A 95 -20.64 7.81 -9.33
CA GLU A 95 -21.44 6.60 -9.27
C GLU A 95 -20.65 5.32 -9.08
N ALA A 96 -19.40 5.28 -9.53
CA ALA A 96 -18.57 4.06 -9.44
C ALA A 96 -18.38 3.60 -8.00
N SER A 97 -18.45 2.28 -7.77
CA SER A 97 -18.27 1.75 -6.44
C SER A 97 -16.90 2.20 -5.83
N PRO A 98 -16.92 2.66 -4.57
CA PRO A 98 -15.65 2.73 -3.84
C PRO A 98 -14.91 1.41 -4.02
N GLY A 99 -13.60 1.45 -4.10
CA GLY A 99 -12.85 0.25 -4.33
C GLY A 99 -12.53 0.04 -5.80
N SER A 100 -13.37 0.62 -6.69
CA SER A 100 -13.09 0.51 -8.11
C SER A 100 -12.08 1.57 -8.49
N ILE A 101 -11.43 1.33 -9.62
CA ILE A 101 -10.42 2.23 -10.12
C ILE A 101 -10.94 3.66 -10.23
N ARG A 102 -12.04 3.83 -10.97
CA ARG A 102 -12.66 5.19 -11.11
C ARG A 102 -13.20 5.69 -9.80
N GLY A 103 -13.82 4.78 -9.05
CA GLY A 103 -14.42 5.13 -7.76
C GLY A 103 -13.41 5.69 -6.79
N ASP A 104 -12.22 5.07 -6.77
CA ASP A 104 -11.17 5.52 -5.85
C ASP A 104 -10.33 6.71 -6.36
N LEU A 105 -10.16 6.82 -7.66
CA LEU A 105 -9.15 7.74 -8.14
C LEU A 105 -9.70 8.84 -9.07
N GLY A 106 -10.85 8.65 -9.64
CA GLY A 106 -11.38 9.63 -10.58
C GLY A 106 -12.24 10.63 -9.82
N LEU A 107 -12.17 11.90 -10.21
CA LEU A 107 -13.07 12.90 -9.63
C LEU A 107 -14.28 13.22 -10.50
N THR A 108 -14.09 13.34 -11.81
CA THR A 108 -15.20 13.76 -12.66
C THR A 108 -15.43 12.81 -13.82
N VAL A 109 -16.62 12.87 -14.44
CA VAL A 109 -16.95 11.95 -15.51
C VAL A 109 -16.02 12.10 -16.71
N GLY A 110 -15.59 13.33 -17.00
CA GLY A 110 -14.73 13.55 -18.16
C GLY A 110 -13.28 13.18 -17.93
N ARG A 111 -12.85 13.05 -16.66
CA ARG A 111 -11.46 12.71 -16.35
C ARG A 111 -11.44 11.51 -15.43
N ASN A 112 -11.60 10.33 -16.02
CA ASN A 112 -11.96 9.19 -15.23
C ASN A 112 -10.95 8.01 -15.39
N ILE A 113 -9.67 8.39 -15.49
CA ILE A 113 -8.53 7.47 -15.24
C ILE A 113 -8.22 6.47 -16.30
N ILE A 114 -9.21 5.70 -16.72
CA ILE A 114 -8.92 4.51 -17.52
C ILE A 114 -10.08 4.21 -18.50
N HIS A 115 -9.76 3.61 -19.62
CA HIS A 115 -10.80 3.11 -20.48
C HIS A 115 -10.70 1.60 -20.54
N GLY A 116 -11.84 0.95 -20.66
CA GLY A 116 -11.94 -0.45 -20.96
C GLY A 116 -13.03 -0.72 -21.99
N SER A 117 -12.72 -1.56 -22.99
CA SER A 117 -13.70 -2.05 -23.98
C SER A 117 -15.07 -2.40 -23.38
N ASP A 118 -16.17 -2.05 -24.03
CA ASP A 118 -17.47 -2.25 -23.36
C ASP A 118 -18.09 -3.58 -23.69
N SER A 119 -17.55 -4.30 -24.66
CA SER A 119 -18.08 -5.62 -25.03
C SER A 119 -17.03 -6.47 -25.79
N LEU A 120 -17.32 -7.73 -26.02
CA LEU A 120 -16.40 -8.55 -26.81
C LEU A 120 -16.17 -7.89 -28.15
N GLU A 121 -17.26 -7.43 -28.76
CA GLU A 121 -17.23 -6.85 -30.10
C GLU A 121 -16.33 -5.62 -30.10
N SER A 122 -16.54 -4.76 -29.11
CA SER A 122 -15.69 -3.57 -29.11
C SER A 122 -14.25 -3.86 -28.61
N ALA A 123 -14.04 -4.95 -27.87
CA ALA A 123 -12.68 -5.44 -27.53
C ALA A 123 -11.89 -5.81 -28.76
N GLU A 124 -12.49 -6.59 -29.65
CA GLU A 124 -11.75 -7.04 -30.79
C GLU A 124 -11.48 -5.87 -31.78
N ARG A 125 -12.45 -4.98 -31.93
CA ARG A 125 -12.24 -3.77 -32.71
C ARG A 125 -11.11 -2.88 -32.14
N GLU A 126 -11.22 -2.50 -30.88
CA GLU A 126 -10.19 -1.66 -30.23
C GLU A 126 -8.80 -2.33 -30.18
N ILE A 127 -8.75 -3.65 -29.86
CA ILE A 127 -7.43 -4.28 -29.83
C ILE A 127 -6.75 -4.16 -31.22
N ASN A 128 -7.52 -4.34 -32.28
CA ASN A 128 -6.99 -4.28 -33.66
C ASN A 128 -6.64 -2.84 -34.08
N LEU A 129 -7.43 -1.90 -33.61
CA LEU A 129 -7.15 -0.52 -33.86
C LEU A 129 -5.81 -0.04 -33.19
N TRP A 130 -5.57 -0.42 -31.94
CA TRP A 130 -4.41 0.09 -31.17
C TRP A 130 -3.16 -0.75 -31.29
N PHE A 131 -3.33 -2.03 -31.56
CA PHE A 131 -2.21 -2.97 -31.56
C PHE A 131 -2.13 -3.73 -32.88
N ASN A 132 -0.91 -4.01 -33.30
CA ASN A 132 -0.64 -5.08 -34.25
C ASN A 132 -0.32 -6.33 -33.47
N GLU A 133 -0.60 -7.47 -34.08
CA GLU A 133 -0.44 -8.74 -33.44
C GLU A 133 0.99 -9.06 -33.03
N ASN A 134 1.96 -8.49 -33.71
CA ASN A 134 3.37 -8.63 -33.32
C ASN A 134 3.71 -7.86 -32.03
N GLU A 135 2.83 -6.94 -31.63
CA GLU A 135 2.98 -6.19 -30.36
C GLU A 135 2.33 -6.95 -29.19
N ILE A 136 1.71 -8.08 -29.48
CA ILE A 136 0.99 -8.81 -28.44
C ILE A 136 1.64 -10.15 -28.16
N THR A 137 2.03 -10.32 -26.91
CA THR A 137 2.78 -11.51 -26.53
C THR A 137 1.77 -12.54 -26.05
N SER A 138 2.20 -13.76 -25.93
CA SER A 138 1.38 -14.79 -25.36
C SER A 138 2.38 -15.54 -24.50
N TYR A 139 1.98 -15.88 -23.26
CA TYR A 139 2.90 -16.53 -22.33
C TYR A 139 2.10 -17.09 -21.18
N ALA A 140 2.50 -18.28 -20.76
CA ALA A 140 1.98 -18.91 -19.56
C ALA A 140 2.64 -18.29 -18.30
N SER A 141 1.89 -18.15 -17.23
CA SER A 141 2.38 -17.63 -15.97
C SER A 141 2.16 -18.62 -14.84
N PRO A 142 3.03 -18.57 -13.84
CA PRO A 142 2.93 -19.40 -12.63
C PRO A 142 1.53 -19.44 -12.02
N ARG A 143 0.90 -18.29 -11.88
CA ARG A 143 -0.36 -18.25 -11.15
C ARG A 143 -1.54 -18.76 -11.98
N ASP A 144 -1.29 -19.02 -13.27
CA ASP A 144 -2.39 -19.43 -14.15
C ASP A 144 -3.12 -20.67 -13.61
N ALA A 145 -2.33 -21.67 -13.15
CA ALA A 145 -2.88 -22.90 -12.56
C ALA A 145 -3.75 -22.64 -11.31
N TRP A 146 -3.58 -21.48 -10.68
CA TRP A 146 -4.31 -21.11 -9.46
C TRP A 146 -5.53 -20.21 -9.63
N LEU A 147 -5.59 -19.49 -10.76
CA LEU A 147 -6.72 -18.64 -11.09
C LEU A 147 -7.92 -19.40 -11.70
N TYR A 148 -7.67 -20.55 -12.34
CA TYR A 148 -8.62 -21.30 -13.19
C TYR A 148 -8.75 -22.77 -12.83
N GLU A 149 -9.96 -23.29 -12.86
CA GLU A 149 -10.17 -24.73 -12.90
C GLU A 149 -9.49 -25.39 -14.07
N MET B 1 -14.91 27.44 -5.50
CA MET B 1 -15.03 26.00 -5.86
C MET B 1 -15.63 25.29 -4.66
N GLU B 2 -16.55 24.35 -4.88
CA GLU B 2 -17.28 23.74 -3.73
C GLU B 2 -16.33 23.16 -2.66
N ARG B 3 -16.68 23.34 -1.38
CA ARG B 3 -15.87 22.76 -0.32
C ARG B 3 -16.71 22.11 0.76
N THR B 4 -16.10 21.23 1.52
CA THR B 4 -16.79 20.53 2.60
C THR B 4 -15.92 20.33 3.81
N PHE B 5 -16.56 19.98 4.93
CA PHE B 5 -15.85 19.79 6.22
C PHE B 5 -15.78 18.28 6.52
N LEU B 6 -14.56 17.77 6.64
CA LEU B 6 -14.31 16.37 6.94
C LEU B 6 -13.51 16.39 8.19
N MET B 7 -13.70 15.35 9.01
CA MET B 7 -13.13 15.29 10.33
C MET B 7 -12.80 13.86 10.63
N ILE B 8 -11.51 13.56 10.81
CA ILE B 8 -11.09 12.23 11.16
C ILE B 8 -11.32 12.11 12.65
N LYS B 9 -12.04 11.06 13.05
CA LYS B 9 -12.62 10.93 14.39
C LYS B 9 -11.65 10.31 15.44
N PRO B 10 -11.96 10.43 16.75
CA PRO B 10 -10.90 9.92 17.68
C PRO B 10 -10.61 8.41 17.50
N ASP B 11 -11.54 7.66 16.92
CA ASP B 11 -11.25 6.23 16.77
C ASP B 11 -10.11 6.04 15.74
N ALA B 12 -10.10 6.71 14.60
CA ALA B 12 -8.99 6.59 13.62
C ALA B 12 -7.66 7.17 14.15
N VAL B 13 -7.74 8.30 14.86
CA VAL B 13 -6.59 8.83 15.62
C VAL B 13 -6.00 7.78 16.59
N GLN B 14 -6.84 7.15 17.41
CA GLN B 14 -6.40 6.17 18.38
C GLN B 14 -6.03 4.77 17.83
N ARG B 15 -6.34 4.54 16.55
CA ARG B 15 -5.87 3.32 15.84
C ARG B 15 -4.81 3.64 14.81
N ASN B 16 -4.41 4.90 14.75
CA ASN B 16 -3.23 5.32 14.02
C ASN B 16 -3.47 5.16 12.51
N LEU B 17 -4.61 5.69 12.06
CA LEU B 17 -5.12 5.47 10.72
C LEU B 17 -5.21 6.80 10.07
N ILE B 18 -4.53 7.80 10.64
CA ILE B 18 -4.67 9.17 10.13
C ILE B 18 -4.19 9.34 8.69
N GLY B 19 -2.95 8.94 8.44
CA GLY B 19 -2.37 9.03 7.11
C GLY B 19 -3.15 8.21 6.10
N GLU B 20 -3.55 7.00 6.46
CA GLU B 20 -4.34 6.13 5.61
C GLU B 20 -5.67 6.82 5.27
N VAL B 21 -6.38 7.37 6.24
CA VAL B 21 -7.61 8.13 5.86
C VAL B 21 -7.31 9.35 4.94
N ILE B 22 -6.32 10.17 5.31
CA ILE B 22 -5.93 11.33 4.47
C ILE B 22 -5.56 10.92 3.05
N SER B 23 -4.89 9.77 2.92
CA SER B 23 -4.53 9.25 1.56
C SER B 23 -5.70 8.90 0.66
N ARG B 24 -6.77 8.37 1.21
CA ARG B 24 -7.98 8.09 0.42
C ARG B 24 -8.68 9.36 -0.01
N ILE B 25 -8.67 10.36 0.86
CA ILE B 25 -9.16 11.66 0.47
C ILE B 25 -8.28 12.25 -0.67
N GLU B 26 -6.97 12.36 -0.47
CA GLU B 26 -6.14 12.95 -1.49
C GLU B 26 -6.24 12.25 -2.85
N ARG B 27 -6.27 10.93 -2.85
CA ARG B 27 -6.12 10.19 -4.13
C ARG B 27 -7.42 10.23 -4.97
N LYS B 28 -8.52 10.58 -4.32
CA LYS B 28 -9.79 10.80 -5.02
C LYS B 28 -9.70 12.07 -5.92
N GLY B 29 -8.71 12.91 -5.70
CA GLY B 29 -8.70 14.23 -6.35
C GLY B 29 -9.05 15.43 -5.43
N LEU B 30 -9.57 15.16 -4.23
CA LEU B 30 -9.97 16.24 -3.32
C LEU B 30 -8.73 16.98 -2.81
N LYS B 31 -8.83 18.29 -2.70
CA LYS B 31 -7.70 19.16 -2.27
C LYS B 31 -7.93 19.64 -0.84
N LEU B 32 -7.01 19.28 0.04
CA LEU B 32 -7.00 19.75 1.41
C LEU B 32 -6.54 21.18 1.43
N VAL B 33 -7.40 22.04 1.96
CA VAL B 33 -7.23 23.47 1.91
C VAL B 33 -7.25 24.04 3.33
N GLY B 34 -7.67 23.21 4.29
CA GLY B 34 -7.62 23.54 5.71
C GLY B 34 -7.45 22.24 6.47
N GLY B 35 -6.76 22.24 7.60
CA GLY B 35 -6.58 21.00 8.37
C GLY B 35 -5.88 21.19 9.70
N LYS B 36 -6.38 20.58 10.76
CA LYS B 36 -5.78 20.82 12.06
C LYS B 36 -6.07 19.75 13.08
N LEU B 37 -5.05 19.28 13.79
CA LEU B 37 -5.31 18.31 14.86
C LEU B 37 -5.68 19.15 16.08
N MET B 38 -6.73 18.74 16.78
CA MET B 38 -7.31 19.55 17.88
C MET B 38 -8.20 18.69 18.73
N GLN B 39 -8.21 18.97 20.02
CA GLN B 39 -9.14 18.39 20.95
C GLN B 39 -10.49 19.11 20.72
N VAL B 40 -11.60 18.44 20.93
CA VAL B 40 -12.88 19.10 20.65
C VAL B 40 -13.47 19.57 21.99
N PRO B 41 -13.54 20.90 22.21
CA PRO B 41 -14.36 21.29 23.38
C PRO B 41 -15.82 20.76 23.31
N MET B 42 -16.38 20.57 24.50
CA MET B 42 -17.70 20.03 24.69
C MET B 42 -18.72 20.84 23.95
N GLU B 43 -18.62 22.16 24.06
CA GLU B 43 -19.55 23.08 23.41
C GLU B 43 -19.47 22.99 21.88
N LEU B 44 -18.25 22.86 21.35
CA LEU B 44 -18.04 22.61 19.90
C LEU B 44 -18.69 21.31 19.45
N ALA B 45 -18.45 20.24 20.20
CA ALA B 45 -19.11 18.97 19.92
C ALA B 45 -20.62 19.11 19.90
N GLU B 46 -21.18 19.75 20.94
CA GLU B 46 -22.64 19.91 21.06
C GLU B 46 -23.23 20.73 19.95
N THR B 47 -22.56 21.79 19.50
CA THR B 47 -23.16 22.57 18.42
C THR B 47 -22.96 21.87 17.07
N HIS B 48 -21.79 21.28 16.83
CA HIS B 48 -21.56 20.44 15.63
C HIS B 48 -22.61 19.32 15.50
N TYR B 49 -22.87 18.62 16.59
CA TYR B 49 -23.86 17.54 16.56
C TYR B 49 -25.25 17.90 17.14
N GLY B 50 -25.61 19.17 17.17
CA GLY B 50 -26.88 19.60 17.80
C GLY B 50 -28.17 18.89 17.35
N GLU B 51 -28.29 18.59 16.05
CA GLU B 51 -29.47 17.89 15.47
C GLU B 51 -29.85 16.62 16.20
N HIS B 52 -28.84 15.94 16.75
CA HIS B 52 -29.03 14.58 17.27
C HIS B 52 -29.36 14.58 18.75
N GLN B 53 -29.37 15.78 19.32
CA GLN B 53 -29.68 16.03 20.72
C GLN B 53 -30.74 15.19 21.38
N GLY B 54 -31.81 14.90 20.67
CA GLY B 54 -32.78 13.99 21.29
C GLY B 54 -32.37 12.52 21.43
N LYS B 55 -31.54 12.04 20.50
CA LYS B 55 -31.52 10.61 20.16
C LYS B 55 -30.91 9.72 21.23
N PRO B 56 -31.19 8.40 21.21
CA PRO B 56 -30.60 7.62 22.30
C PRO B 56 -29.06 7.56 22.27
N PHE B 57 -28.46 7.84 21.11
CA PHE B 57 -27.00 7.66 20.98
C PHE B 57 -26.24 8.98 21.22
N TYR B 58 -26.99 10.06 21.47
CA TYR B 58 -26.39 11.37 21.54
C TYR B 58 -25.32 11.54 22.61
N ASN B 59 -25.58 11.04 23.82
CA ASN B 59 -24.61 11.16 24.93
C ASN B 59 -23.31 10.42 24.58
N ASP B 60 -23.45 9.22 23.99
CA ASP B 60 -22.29 8.46 23.56
C ASP B 60 -21.51 9.23 22.48
N LEU B 61 -22.23 9.83 21.55
CA LEU B 61 -21.65 10.64 20.48
C LEU B 61 -20.77 11.76 21.01
N ILE B 62 -21.35 12.54 21.93
CA ILE B 62 -20.63 13.64 22.57
C ILE B 62 -19.42 13.12 23.33
N SER B 63 -19.56 12.08 24.16
CA SER B 63 -18.38 11.55 24.90
C SER B 63 -17.31 11.04 23.94
N PHE B 64 -17.74 10.42 22.86
CA PHE B 64 -16.78 9.83 21.93
C PHE B 64 -16.00 10.94 21.20
N ILE B 65 -16.70 11.91 20.63
CA ILE B 65 -16.08 12.96 19.88
C ILE B 65 -15.13 13.88 20.71
N THR B 66 -15.23 13.80 22.04
CA THR B 66 -14.37 14.60 22.96
C THR B 66 -13.34 13.78 23.71
N SER B 67 -13.22 12.48 23.40
CA SER B 67 -12.33 11.57 24.17
C SER B 67 -10.83 11.62 23.77
N ALA B 68 -10.54 12.13 22.58
CA ALA B 68 -9.16 12.25 22.08
C ALA B 68 -9.22 13.15 20.88
N PRO B 69 -8.05 13.58 20.41
CA PRO B 69 -8.13 14.58 19.35
C PRO B 69 -8.68 14.05 18.04
N VAL B 70 -9.08 14.98 17.20
CA VAL B 70 -9.62 14.69 15.93
C VAL B 70 -8.77 15.44 14.97
N PHE B 71 -8.90 15.11 13.68
CA PHE B 71 -8.24 15.88 12.62
C PHE B 71 -9.27 16.56 11.77
N ALA B 72 -9.34 17.89 11.89
CA ALA B 72 -10.39 18.72 11.25
C ALA B 72 -9.93 19.23 9.92
N MET B 73 -10.76 19.15 8.91
CA MET B 73 -10.27 19.45 7.56
C MET B 73 -11.29 20.23 6.76
N VAL B 74 -10.78 20.99 5.81
CA VAL B 74 -11.62 21.57 4.80
C VAL B 74 -11.06 21.09 3.46
N VAL B 75 -11.95 20.52 2.66
CA VAL B 75 -11.54 19.90 1.43
C VAL B 75 -12.40 20.49 0.35
N GLU B 76 -11.75 20.67 -0.78
CA GLU B 76 -12.24 21.41 -1.88
C GLU B 76 -12.25 20.57 -3.17
N GLY B 77 -13.26 20.78 -4.01
CA GLY B 77 -13.29 20.14 -5.33
C GLY B 77 -14.72 20.07 -5.83
N GLU B 78 -14.88 19.86 -7.13
CA GLU B 78 -16.21 19.80 -7.78
C GLU B 78 -17.10 18.79 -7.05
N ASP B 79 -18.30 19.21 -6.62
CA ASP B 79 -19.27 18.29 -5.99
C ASP B 79 -18.71 17.68 -4.66
N ALA B 80 -17.81 18.41 -4.01
CA ALA B 80 -17.01 17.90 -2.89
C ALA B 80 -17.84 17.26 -1.75
N VAL B 81 -19.00 17.87 -1.43
CA VAL B 81 -19.86 17.29 -0.39
C VAL B 81 -20.31 15.87 -0.72
N ASN B 82 -20.96 15.66 -1.87
CA ASN B 82 -21.42 14.32 -2.28
C ASN B 82 -20.29 13.33 -2.57
N VAL B 83 -19.23 13.84 -3.18
CA VAL B 83 -18.05 13.04 -3.54
C VAL B 83 -17.41 12.56 -2.27
N SER B 84 -17.29 13.45 -1.30
CA SER B 84 -16.80 13.02 0.00
C SER B 84 -17.64 11.96 0.67
N ARG B 85 -18.98 12.12 0.67
CA ARG B 85 -19.85 11.11 1.30
C ARG B 85 -19.77 9.76 0.60
N HIS B 86 -19.50 9.82 -0.71
CA HIS B 86 -19.45 8.61 -1.55
C HIS B 86 -18.25 7.77 -1.09
N ILE B 87 -17.11 8.39 -0.84
CA ILE B 87 -15.92 7.57 -0.59
C ILE B 87 -15.91 7.17 0.87
N ILE B 88 -16.70 7.91 1.64
CA ILE B 88 -16.74 7.73 3.06
C ILE B 88 -17.61 6.50 3.33
N GLY B 89 -18.75 6.43 2.64
CA GLY B 89 -19.67 5.32 2.84
C GLY B 89 -20.73 5.60 3.89
N SER B 90 -21.71 4.72 3.95
CA SER B 90 -22.86 4.79 4.87
C SER B 90 -22.41 4.85 6.28
N THR B 91 -23.25 5.48 7.09
CA THR B 91 -23.00 5.68 8.50
C THR B 91 -22.62 4.38 9.18
N ASN B 92 -23.27 3.29 8.80
CA ASN B 92 -22.97 2.04 9.44
C ASN B 92 -21.89 1.32 8.60
N PRO B 93 -20.67 1.14 9.17
CA PRO B 93 -19.63 0.48 8.38
C PRO B 93 -20.06 -0.88 7.81
N SER B 94 -21.09 -1.52 8.38
CA SER B 94 -21.57 -2.84 7.89
C SER B 94 -22.45 -2.75 6.67
N GLU B 95 -23.00 -1.58 6.40
CA GLU B 95 -23.71 -1.33 5.15
C GLU B 95 -22.89 -0.48 4.17
N ALA B 96 -21.81 0.15 4.64
CA ALA B 96 -20.95 0.92 3.73
C ALA B 96 -20.26 -0.05 2.73
N SER B 97 -20.19 0.38 1.46
CA SER B 97 -19.59 -0.45 0.39
C SER B 97 -18.17 -0.84 0.77
N PRO B 98 -17.79 -2.11 0.54
CA PRO B 98 -16.35 -2.41 0.65
C PRO B 98 -15.65 -1.39 -0.24
N GLY B 99 -14.43 -1.01 0.13
CA GLY B 99 -13.69 0.00 -0.63
C GLY B 99 -13.91 1.43 -0.09
N SER B 100 -14.98 1.67 0.68
CA SER B 100 -15.18 3.03 1.23
C SER B 100 -14.38 3.12 2.51
N ILE B 101 -14.17 4.33 3.00
CA ILE B 101 -13.41 4.52 4.22
C ILE B 101 -14.07 3.76 5.38
N ARG B 102 -15.39 3.88 5.49
CA ARG B 102 -16.09 3.25 6.63
C ARG B 102 -16.22 1.76 6.42
N GLY B 103 -16.42 1.32 5.19
CA GLY B 103 -16.53 -0.10 4.93
C GLY B 103 -15.26 -0.90 5.18
N ASP B 104 -14.09 -0.29 4.96
CA ASP B 104 -12.84 -1.04 5.05
C ASP B 104 -12.30 -0.92 6.47
N LEU B 105 -12.53 0.23 7.09
CA LEU B 105 -11.84 0.56 8.31
C LEU B 105 -12.76 0.67 9.53
N GLY B 106 -14.08 0.84 9.36
CA GLY B 106 -14.91 1.03 10.56
C GLY B 106 -15.46 -0.29 11.08
N LEU B 107 -15.74 -0.41 12.37
CA LEU B 107 -16.53 -1.62 12.81
C LEU B 107 -17.98 -1.38 13.21
N THR B 108 -18.30 -0.24 13.85
CA THR B 108 -19.68 -0.03 14.31
C THR B 108 -20.16 1.37 13.96
N VAL B 109 -21.47 1.57 14.00
CA VAL B 109 -22.09 2.81 13.55
C VAL B 109 -21.60 4.01 14.37
N GLY B 110 -21.23 3.77 15.63
CA GLY B 110 -20.77 4.82 16.55
C GLY B 110 -19.24 5.01 16.54
N ARG B 111 -18.52 4.08 15.90
CA ARG B 111 -17.07 4.20 15.82
C ARG B 111 -16.69 4.04 14.35
N ASN B 112 -17.04 5.06 13.56
CA ASN B 112 -17.07 4.91 12.13
C ASN B 112 -16.09 5.90 11.46
N ILE B 113 -15.03 6.27 12.17
CA ILE B 113 -13.77 6.76 11.51
C ILE B 113 -13.73 8.23 11.09
N ILE B 114 -14.71 8.66 10.31
CA ILE B 114 -14.66 9.98 9.72
C ILE B 114 -16.04 10.58 9.65
N HIS B 115 -16.11 11.92 9.76
CA HIS B 115 -17.31 12.74 9.47
C HIS B 115 -17.13 13.53 8.16
N GLY B 116 -18.20 13.64 7.36
CA GLY B 116 -18.27 14.64 6.27
C GLY B 116 -19.57 15.41 6.39
N SER B 117 -19.59 16.67 5.97
CA SER B 117 -20.84 17.44 5.98
C SER B 117 -21.83 16.70 5.06
N ASP B 118 -23.13 16.85 5.32
CA ASP B 118 -24.13 16.12 4.58
C ASP B 118 -24.89 16.93 3.49
N SER B 119 -24.61 18.23 3.34
CA SER B 119 -25.18 19.07 2.22
C SER B 119 -24.34 20.36 2.09
N LEU B 120 -24.62 21.19 1.11
CA LEU B 120 -23.95 22.47 0.98
C LEU B 120 -24.24 23.35 2.18
N GLU B 121 -25.46 23.34 2.68
CA GLU B 121 -25.78 24.12 3.86
C GLU B 121 -24.95 23.75 5.10
N SER B 122 -24.89 22.47 5.40
CA SER B 122 -24.21 22.02 6.57
C SER B 122 -22.69 22.13 6.35
N ALA B 123 -22.23 22.04 5.10
CA ALA B 123 -20.80 22.27 4.81
C ALA B 123 -20.35 23.68 5.25
N GLU B 124 -21.05 24.69 4.78
CA GLU B 124 -20.74 26.08 5.16
C GLU B 124 -20.88 26.27 6.64
N ARG B 125 -21.92 25.69 7.23
CA ARG B 125 -22.11 25.82 8.68
C ARG B 125 -20.88 25.24 9.43
N GLU B 126 -20.50 23.99 9.09
CA GLU B 126 -19.41 23.29 9.79
C GLU B 126 -18.04 23.91 9.56
N ILE B 127 -17.77 24.35 8.33
CA ILE B 127 -16.52 25.04 8.00
C ILE B 127 -16.39 26.34 8.86
N ASN B 128 -17.47 27.14 8.89
CA ASN B 128 -17.52 28.37 9.73
C ASN B 128 -17.37 28.11 11.22
N LEU B 129 -17.97 27.03 11.68
CA LEU B 129 -17.92 26.67 13.05
C LEU B 129 -16.53 26.21 13.44
N TRP B 130 -15.85 25.45 12.56
CA TRP B 130 -14.61 24.83 12.98
C TRP B 130 -13.36 25.63 12.67
N PHE B 131 -13.44 26.54 11.72
CA PHE B 131 -12.28 27.19 11.14
C PHE B 131 -12.55 28.69 11.01
N ASN B 132 -11.51 29.51 11.14
CA ASN B 132 -11.65 30.89 10.65
C ASN B 132 -11.10 30.94 9.21
N GLU B 133 -11.52 31.92 8.47
CA GLU B 133 -11.17 32.09 7.10
C GLU B 133 -9.65 32.17 6.86
N ASN B 134 -8.95 32.64 7.84
CA ASN B 134 -7.51 32.82 7.75
C ASN B 134 -6.72 31.52 7.97
N GLU B 135 -7.40 30.45 8.42
CA GLU B 135 -6.77 29.13 8.54
C GLU B 135 -7.02 28.32 7.29
N ILE B 136 -7.75 28.87 6.34
CA ILE B 136 -8.08 28.13 5.12
C ILE B 136 -7.32 28.72 3.96
N THR B 137 -6.43 27.90 3.40
CA THR B 137 -5.48 28.37 2.41
C THR B 137 -6.14 28.27 1.05
N SER B 138 -5.70 29.01 0.05
CA SER B 138 -6.33 28.86 -1.26
C SER B 138 -5.17 28.62 -2.16
N TYR B 139 -5.23 27.61 -3.05
CA TYR B 139 -4.07 27.34 -3.89
C TYR B 139 -4.29 26.46 -5.12
N ALA B 140 -3.68 26.88 -6.22
CA ALA B 140 -3.55 26.09 -7.43
C ALA B 140 -2.60 24.89 -7.18
N SER B 141 -3.05 23.69 -7.59
CA SER B 141 -2.20 22.49 -7.64
C SER B 141 -1.99 22.03 -9.08
N PRO B 142 -0.84 21.40 -9.33
CA PRO B 142 -0.48 20.85 -10.62
C PRO B 142 -1.56 19.96 -11.23
N ARG B 143 -2.15 19.09 -10.39
CA ARG B 143 -3.08 18.09 -10.91
C ARG B 143 -4.38 18.74 -11.40
N ASP B 144 -4.68 19.94 -10.90
CA ASP B 144 -6.00 20.57 -11.15
C ASP B 144 -6.44 20.58 -12.62
N ALA B 145 -5.53 20.96 -13.51
CA ALA B 145 -5.79 20.94 -14.93
C ALA B 145 -6.08 19.51 -15.46
N TRP B 146 -5.92 18.47 -14.63
CA TRP B 146 -6.09 17.09 -15.13
C TRP B 146 -7.29 16.41 -14.51
N LEU B 147 -7.82 17.01 -13.44
CA LEU B 147 -9.03 16.56 -12.75
C LEU B 147 -10.30 17.11 -13.39
N TYR B 148 -10.21 18.30 -13.99
CA TYR B 148 -11.40 19.04 -14.45
C TYR B 148 -11.26 19.46 -15.89
N GLU B 149 -12.29 19.35 -16.70
CA GLU B 149 -12.39 20.26 -17.84
C GLU B 149 -12.79 21.65 -17.45
N MET C 1 16.71 16.48 -21.34
CA MET C 1 16.97 16.02 -19.92
C MET C 1 17.57 14.60 -19.85
N GLU C 2 18.35 14.30 -18.80
CA GLU C 2 18.98 12.97 -18.64
C GLU C 2 17.95 11.84 -18.60
N ARG C 3 18.29 10.73 -19.22
CA ARG C 3 17.44 9.59 -19.46
C ARG C 3 18.18 8.34 -19.10
N THR C 4 17.46 7.28 -18.78
CA THR C 4 18.11 5.99 -18.60
C THR C 4 17.19 4.87 -19.13
N PHE C 5 17.77 3.69 -19.31
CA PHE C 5 17.02 2.50 -19.71
C PHE C 5 16.73 1.64 -18.48
N LEU C 6 15.44 1.42 -18.23
CA LEU C 6 15.03 0.48 -17.17
C LEU C 6 14.27 -0.66 -17.78
N MET C 7 14.36 -1.81 -17.14
CA MET C 7 13.74 -3.01 -17.67
C MET C 7 13.28 -3.86 -16.51
N ILE C 8 11.98 -4.03 -16.42
CA ILE C 8 11.40 -5.01 -15.53
C ILE C 8 11.58 -6.40 -16.15
N LYS C 9 12.29 -7.25 -15.40
CA LYS C 9 12.73 -8.53 -15.89
C LYS C 9 11.59 -9.57 -15.79
N PRO C 10 11.72 -10.72 -16.50
CA PRO C 10 10.73 -11.81 -16.58
C PRO C 10 10.35 -12.38 -15.20
N ASP C 11 11.27 -12.39 -14.23
CA ASP C 11 10.92 -12.82 -12.89
C ASP C 11 9.85 -11.87 -12.27
N ALA C 12 9.97 -10.54 -12.48
CA ALA C 12 8.97 -9.64 -11.87
C ALA C 12 7.63 -9.78 -12.65
N VAL C 13 7.73 -10.01 -13.95
CA VAL C 13 6.60 -10.22 -14.79
C VAL C 13 5.80 -11.41 -14.30
N GLN C 14 6.49 -12.51 -14.03
CA GLN C 14 5.89 -13.78 -13.74
C GLN C 14 5.44 -13.89 -12.29
N ARG C 15 5.88 -12.95 -11.50
CA ARG C 15 5.47 -12.86 -10.12
C ARG C 15 4.39 -11.77 -9.95
N ASN C 16 4.00 -11.15 -11.06
CA ASN C 16 2.94 -10.16 -11.08
C ASN C 16 3.32 -8.94 -10.24
N LEU C 17 4.51 -8.38 -10.50
CA LEU C 17 4.99 -7.26 -9.75
C LEU C 17 5.17 -6.06 -10.65
N ILE C 18 4.58 -6.09 -11.83
CA ILE C 18 4.85 -5.04 -12.78
C ILE C 18 4.46 -3.68 -12.22
N GLY C 19 3.27 -3.59 -11.63
CA GLY C 19 2.79 -2.29 -11.11
C GLY C 19 3.57 -1.77 -9.89
N GLU C 20 3.84 -2.67 -8.97
CA GLU C 20 4.63 -2.41 -7.75
C GLU C 20 5.99 -1.76 -8.16
N VAL C 21 6.65 -2.36 -9.15
CA VAL C 21 7.95 -1.84 -9.60
C VAL C 21 7.81 -0.49 -10.30
N ILE C 22 6.83 -0.35 -11.19
CA ILE C 22 6.54 0.96 -11.82
C ILE C 22 6.20 2.08 -10.83
N SER C 23 5.39 1.76 -9.83
CA SER C 23 5.01 2.67 -8.76
C SER C 23 6.21 3.20 -7.98
N ARG C 24 7.20 2.34 -7.71
CA ARG C 24 8.42 2.79 -6.99
C ARG C 24 9.23 3.73 -7.87
N ILE C 25 9.31 3.43 -9.17
CA ILE C 25 9.96 4.33 -10.13
C ILE C 25 9.20 5.68 -10.13
N GLU C 26 7.87 5.66 -10.25
CA GLU C 26 7.10 6.89 -10.38
C GLU C 26 7.16 7.74 -9.13
N ARG C 27 7.04 7.13 -7.98
CA ARG C 27 6.92 7.93 -6.78
C ARG C 27 8.26 8.55 -6.38
N LYS C 28 9.36 8.06 -6.95
CA LYS C 28 10.67 8.72 -6.83
C LYS C 28 10.78 10.08 -7.62
N GLY C 29 9.86 10.33 -8.55
CA GLY C 29 9.89 11.61 -9.30
C GLY C 29 10.37 11.39 -10.74
N LEU C 30 10.92 10.23 -11.00
CA LEU C 30 11.34 9.84 -12.35
C LEU C 30 10.14 9.79 -13.35
N LYS C 31 10.37 10.24 -14.58
CA LYS C 31 9.29 10.34 -15.59
C LYS C 31 9.40 9.28 -16.65
N LEU C 32 8.39 8.42 -16.73
CA LEU C 32 8.28 7.42 -17.77
C LEU C 32 8.03 8.04 -19.17
N VAL C 33 8.95 7.84 -20.08
CA VAL C 33 8.86 8.56 -21.35
C VAL C 33 8.76 7.50 -22.49
N GLY C 34 9.12 6.26 -22.15
CA GLY C 34 9.03 5.15 -23.09
C GLY C 34 8.75 3.91 -22.30
N GLY C 35 7.85 3.07 -22.81
CA GLY C 35 7.51 1.83 -22.13
C GLY C 35 6.81 0.85 -23.03
N LYS C 36 7.23 -0.40 -22.96
CA LYS C 36 6.58 -1.40 -23.75
C LYS C 36 6.85 -2.79 -23.23
N LEU C 37 5.83 -3.60 -23.25
CA LEU C 37 5.94 -4.99 -22.89
C LEU C 37 6.34 -5.77 -24.16
N MET C 38 7.33 -6.64 -24.04
CA MET C 38 7.84 -7.29 -25.20
C MET C 38 8.62 -8.55 -24.82
N GLN C 39 8.60 -9.47 -25.77
CA GLN C 39 9.38 -10.64 -25.73
C GLN C 39 10.76 -10.21 -26.21
N VAL C 40 11.81 -10.70 -25.57
CA VAL C 40 13.16 -10.31 -25.96
C VAL C 40 13.83 -11.32 -26.90
N PRO C 41 14.06 -10.92 -28.18
CA PRO C 41 14.71 -11.92 -29.07
C PRO C 41 16.12 -12.22 -28.60
N MET C 42 16.55 -13.46 -28.79
CA MET C 42 17.92 -13.81 -28.46
C MET C 42 19.00 -12.80 -29.00
N GLU C 43 18.83 -12.26 -30.20
CA GLU C 43 19.78 -11.30 -30.81
C GLU C 43 19.89 -10.02 -29.93
N LEU C 44 18.75 -9.47 -29.51
CA LEU C 44 18.71 -8.33 -28.60
C LEU C 44 19.37 -8.61 -27.25
N ALA C 45 19.02 -9.72 -26.59
CA ALA C 45 19.57 -10.04 -25.30
C ALA C 45 21.12 -10.12 -25.31
N GLU C 46 21.69 -10.66 -26.38
CA GLU C 46 23.14 -10.85 -26.45
C GLU C 46 23.82 -9.55 -26.75
N THR C 47 23.22 -8.69 -27.58
CA THR C 47 23.86 -7.37 -27.76
C THR C 47 23.71 -6.53 -26.44
N HIS C 48 22.49 -6.42 -25.92
CA HIS C 48 22.24 -5.85 -24.57
C HIS C 48 23.23 -6.32 -23.49
N TYR C 49 23.43 -7.62 -23.39
CA TYR C 49 24.24 -8.14 -22.34
C TYR C 49 25.68 -8.57 -22.80
N GLY C 50 26.09 -8.05 -23.96
CA GLY C 50 27.40 -8.36 -24.59
C GLY C 50 28.61 -8.33 -23.66
N GLU C 51 28.71 -7.28 -22.84
CA GLU C 51 29.79 -7.13 -21.86
C GLU C 51 30.05 -8.35 -20.99
N HIS C 52 29.06 -9.22 -20.82
CA HIS C 52 29.19 -10.41 -19.96
C HIS C 52 29.45 -11.78 -20.65
N GLN C 53 29.61 -11.79 -21.98
CA GLN C 53 30.06 -12.98 -22.77
C GLN C 53 30.90 -14.08 -22.10
N GLY C 54 32.00 -13.72 -21.47
CA GLY C 54 32.90 -14.78 -21.01
C GLY C 54 32.56 -15.32 -19.65
N LYS C 55 31.52 -14.79 -19.03
CA LYS C 55 31.31 -15.07 -17.60
C LYS C 55 30.54 -16.37 -17.36
N PRO C 56 30.75 -17.03 -16.19
CA PRO C 56 30.11 -18.36 -15.96
C PRO C 56 28.58 -18.36 -15.87
N PHE C 57 27.96 -17.22 -15.45
CA PHE C 57 26.49 -17.09 -15.40
C PHE C 57 25.90 -16.61 -16.73
N TYR C 58 26.74 -16.39 -17.73
CA TYR C 58 26.26 -15.80 -18.96
C TYR C 58 25.10 -16.53 -19.66
N ASN C 59 25.17 -17.86 -19.76
CA ASN C 59 24.16 -18.58 -20.56
C ASN C 59 22.80 -18.56 -19.86
N ASP C 60 22.83 -18.69 -18.55
CA ASP C 60 21.64 -18.66 -17.72
C ASP C 60 21.00 -17.30 -17.87
N LEU C 61 21.84 -16.27 -17.93
CA LEU C 61 21.40 -14.87 -18.11
C LEU C 61 20.57 -14.72 -19.35
N ILE C 62 21.15 -15.08 -20.50
CA ILE C 62 20.43 -15.05 -21.80
C ILE C 62 19.14 -15.91 -21.79
N SER C 63 19.22 -17.09 -21.16
CA SER C 63 18.08 -17.98 -21.08
C SER C 63 16.96 -17.31 -20.29
N PHE C 64 17.32 -16.74 -19.14
CA PHE C 64 16.33 -16.09 -18.26
C PHE C 64 15.63 -14.89 -18.92
N ILE C 65 16.40 -13.99 -19.53
CA ILE C 65 15.87 -12.77 -20.05
C ILE C 65 15.06 -12.97 -21.32
N THR C 66 15.25 -14.15 -21.93
CA THR C 66 14.45 -14.50 -23.11
C THR C 66 13.32 -15.47 -22.72
N SER C 67 13.12 -15.71 -21.43
CA SER C 67 12.16 -16.75 -21.04
C SER C 67 10.72 -16.27 -20.92
N ALA C 68 10.50 -14.97 -20.84
CA ALA C 68 9.14 -14.46 -20.74
C ALA C 68 9.16 -12.96 -21.02
N PRO C 69 8.01 -12.34 -21.27
CA PRO C 69 8.15 -10.91 -21.66
C PRO C 69 8.78 -10.02 -20.57
N VAL C 70 9.32 -8.88 -20.97
CA VAL C 70 9.91 -7.91 -20.06
C VAL C 70 9.15 -6.63 -20.27
N PHE C 71 9.29 -5.74 -19.31
CA PHE C 71 8.77 -4.37 -19.55
C PHE C 71 9.91 -3.38 -19.66
N ALA C 72 10.10 -2.91 -20.89
CA ALA C 72 11.24 -2.12 -21.27
C ALA C 72 10.84 -0.65 -21.21
N MET C 73 11.67 0.14 -20.53
CA MET C 73 11.36 1.55 -20.21
C MET C 73 12.47 2.54 -20.52
N VAL C 74 12.07 3.74 -20.91
CA VAL C 74 12.99 4.86 -20.97
C VAL C 74 12.46 5.80 -19.90
N VAL C 75 13.32 6.26 -19.02
CA VAL C 75 12.87 7.07 -17.93
C VAL C 75 13.75 8.34 -17.83
N GLU C 76 13.13 9.48 -17.51
CA GLU C 76 13.78 10.80 -17.53
C GLU C 76 13.85 11.50 -16.16
N GLY C 77 14.92 12.24 -15.92
CA GLY C 77 15.00 13.04 -14.71
C GLY C 77 16.40 13.50 -14.44
N GLU C 78 16.53 14.47 -13.56
CA GLU C 78 17.83 15.04 -13.20
C GLU C 78 18.63 13.90 -12.59
N ASP C 79 19.85 13.68 -13.07
CA ASP C 79 20.69 12.55 -12.57
C ASP C 79 19.97 11.18 -12.70
N ALA C 80 19.12 10.99 -13.73
CA ALA C 80 18.28 9.77 -13.80
C ALA C 80 19.03 8.47 -13.70
N VAL C 81 20.25 8.42 -14.22
CA VAL C 81 21.03 7.16 -14.25
C VAL C 81 21.41 6.78 -12.82
N ASN C 82 22.03 7.67 -12.07
CA ASN C 82 22.36 7.36 -10.70
C ASN C 82 21.13 7.19 -9.75
N VAL C 83 20.11 8.00 -9.91
CA VAL C 83 18.90 7.94 -9.06
C VAL C 83 18.22 6.60 -9.19
N SER C 84 18.11 6.14 -10.44
CA SER C 84 17.61 4.80 -10.75
C SER C 84 18.41 3.67 -10.09
N ARG C 85 19.73 3.66 -10.29
CA ARG C 85 20.55 2.68 -9.65
C ARG C 85 20.34 2.71 -8.14
N HIS C 86 20.23 3.93 -7.60
CA HIS C 86 20.06 4.11 -6.18
C HIS C 86 18.77 3.40 -5.69
N ILE C 87 17.63 3.64 -6.33
CA ILE C 87 16.40 2.99 -5.87
C ILE C 87 16.38 1.50 -6.29
N ILE C 88 17.13 1.17 -7.31
CA ILE C 88 17.17 -0.24 -7.69
C ILE C 88 17.90 -1.10 -6.63
N GLY C 89 19.08 -0.62 -6.19
CA GLY C 89 19.86 -1.33 -5.16
C GLY C 89 20.90 -2.25 -5.79
N SER C 90 21.82 -2.78 -4.96
CA SER C 90 22.89 -3.68 -5.36
C SER C 90 22.46 -4.84 -6.16
N THR C 91 23.36 -5.32 -7.02
CA THR C 91 23.06 -6.46 -7.87
C THR C 91 22.60 -7.72 -7.09
N ASN C 92 23.16 -7.97 -5.93
CA ASN C 92 22.74 -9.17 -5.15
C ASN C 92 21.69 -8.70 -4.19
N PRO C 93 20.44 -9.19 -4.36
CA PRO C 93 19.36 -8.66 -3.51
C PRO C 93 19.70 -8.77 -2.02
N SER C 94 20.64 -9.68 -1.69
CA SER C 94 20.87 -9.87 -0.27
C SER C 94 21.87 -8.83 0.29
N GLU C 95 22.47 -8.03 -0.58
CA GLU C 95 23.24 -6.88 -0.13
C GLU C 95 22.52 -5.57 -0.37
N ALA C 96 21.60 -5.55 -1.33
CA ALA C 96 20.81 -4.32 -1.63
C ALA C 96 20.07 -3.79 -0.41
N SER C 97 20.11 -2.49 -0.17
CA SER C 97 19.46 -1.91 1.03
C SER C 97 18.01 -2.34 1.08
N PRO C 98 17.52 -2.67 2.31
CA PRO C 98 16.07 -2.76 2.46
C PRO C 98 15.46 -1.46 1.93
N GLY C 99 14.26 -1.53 1.38
CA GLY C 99 13.62 -0.31 0.86
C GLY C 99 13.87 -0.10 -0.64
N SER C 100 14.92 -0.74 -1.19
CA SER C 100 15.24 -0.65 -2.62
C SER C 100 14.42 -1.76 -3.31
N ILE C 101 14.26 -1.67 -4.63
CA ILE C 101 13.55 -2.68 -5.39
C ILE C 101 14.13 -4.08 -5.19
N ARG C 102 15.43 -4.25 -5.40
CA ARG C 102 16.04 -5.57 -5.23
C ARG C 102 16.06 -5.95 -3.76
N GLY C 103 16.31 -4.99 -2.87
CA GLY C 103 16.41 -5.39 -1.45
C GLY C 103 15.06 -5.91 -0.99
N ASP C 104 13.97 -5.30 -1.43
CA ASP C 104 12.60 -5.70 -0.97
C ASP C 104 12.03 -6.89 -1.75
N LEU C 105 12.32 -6.94 -3.04
CA LEU C 105 11.59 -7.87 -3.93
C LEU C 105 12.42 -9.01 -4.51
N GLY C 106 13.75 -8.90 -4.54
CA GLY C 106 14.57 -9.93 -5.17
C GLY C 106 15.10 -10.95 -4.18
N LEU C 107 15.20 -12.22 -4.54
CA LEU C 107 15.83 -13.20 -3.63
C LEU C 107 17.30 -13.54 -4.02
N THR C 108 17.60 -13.69 -5.32
CA THR C 108 18.95 -14.10 -5.72
C THR C 108 19.54 -13.16 -6.75
N VAL C 109 20.86 -13.23 -6.89
CA VAL C 109 21.56 -12.41 -7.85
C VAL C 109 21.07 -12.63 -9.31
N GLY C 110 20.73 -13.87 -9.69
CA GLY C 110 20.25 -14.12 -11.09
C GLY C 110 18.81 -13.70 -11.35
N ARG C 111 18.03 -13.47 -10.30
CA ARG C 111 16.61 -13.15 -10.53
C ARG C 111 16.37 -11.95 -9.66
N ASN C 112 16.76 -10.79 -10.17
CA ASN C 112 16.86 -9.61 -9.33
C ASN C 112 15.98 -8.49 -9.84
N ILE C 113 14.87 -8.86 -10.52
CA ILE C 113 13.70 -7.98 -10.74
C ILE C 113 13.81 -6.94 -11.85
N ILE C 114 14.87 -6.16 -11.86
CA ILE C 114 14.90 -5.01 -12.70
C ILE C 114 16.36 -4.75 -13.18
N HIS C 115 16.49 -4.24 -14.40
CA HIS C 115 17.76 -3.77 -14.92
C HIS C 115 17.73 -2.25 -15.02
N GLY C 116 18.86 -1.63 -14.66
CA GLY C 116 19.06 -0.21 -14.94
C GLY C 116 20.43 0.02 -15.57
N SER C 117 20.51 0.96 -16.51
CA SER C 117 21.76 1.34 -17.13
C SER C 117 22.78 1.75 -16.08
N ASP C 118 24.03 1.31 -16.23
CA ASP C 118 25.03 1.61 -15.24
C ASP C 118 25.83 2.90 -15.48
N SER C 119 25.61 3.61 -16.58
CA SER C 119 26.33 4.87 -16.81
C SER C 119 25.62 5.64 -17.90
N LEU C 120 26.05 6.87 -18.17
CA LEU C 120 25.38 7.67 -19.20
C LEU C 120 25.56 7.00 -20.55
N GLU C 121 26.74 6.46 -20.72
CA GLU C 121 27.20 5.87 -21.93
C GLU C 121 26.36 4.66 -22.21
N SER C 122 26.24 3.80 -21.24
CA SER C 122 25.47 2.59 -21.45
C SER C 122 23.93 2.88 -21.48
N ALA C 123 23.50 3.98 -20.85
CA ALA C 123 22.12 4.47 -21.01
C ALA C 123 21.78 4.77 -22.47
N GLU C 124 22.55 5.68 -23.08
CA GLU C 124 22.39 5.98 -24.51
C GLU C 124 22.53 4.75 -25.42
N ARG C 125 23.46 3.85 -25.11
CA ARG C 125 23.57 2.65 -25.91
C ARG C 125 22.28 1.81 -25.81
N GLU C 126 21.84 1.53 -24.58
CA GLU C 126 20.68 0.65 -24.36
C GLU C 126 19.36 1.23 -24.92
N ILE C 127 19.13 2.51 -24.67
CA ILE C 127 17.91 3.13 -25.12
C ILE C 127 17.79 2.93 -26.65
N ASN C 128 18.89 3.21 -27.37
CA ASN C 128 18.96 3.10 -28.83
C ASN C 128 18.80 1.71 -29.36
N LEU C 129 19.38 0.75 -28.68
CA LEU C 129 19.18 -0.65 -28.94
C LEU C 129 17.69 -1.10 -28.85
N TRP C 130 17.00 -0.73 -27.76
CA TRP C 130 15.65 -1.21 -27.42
C TRP C 130 14.52 -0.43 -28.00
N PHE C 131 14.71 0.88 -28.18
CA PHE C 131 13.67 1.81 -28.63
C PHE C 131 14.13 2.60 -29.85
N ASN C 132 13.19 3.01 -30.71
CA ASN C 132 13.40 4.05 -31.73
C ASN C 132 12.80 5.26 -31.14
N GLU C 133 13.16 6.42 -31.64
CA GLU C 133 12.76 7.67 -31.05
C GLU C 133 11.29 8.00 -31.26
N ASN C 134 10.66 7.40 -32.26
CA ASN C 134 9.23 7.56 -32.40
C ASN C 134 8.45 6.85 -31.29
N GLU C 135 9.07 5.85 -30.65
CA GLU C 135 8.47 5.20 -29.46
C GLU C 135 8.70 5.99 -28.13
N ILE C 136 9.46 7.08 -28.22
CA ILE C 136 9.82 7.81 -27.03
C ILE C 136 9.10 9.12 -27.03
N THR C 137 8.20 9.26 -26.05
CA THR C 137 7.37 10.42 -25.98
C THR C 137 8.16 11.58 -25.36
N SER C 138 7.62 12.78 -25.52
CA SER C 138 8.17 13.92 -24.87
C SER C 138 6.98 14.72 -24.30
N TYR C 139 6.97 14.97 -22.99
CA TYR C 139 5.86 15.72 -22.45
C TYR C 139 6.29 16.39 -21.15
N ALA C 140 5.73 17.57 -20.91
CA ALA C 140 5.83 18.25 -19.62
C ALA C 140 4.78 17.66 -18.70
N SER C 141 5.15 17.56 -17.42
CA SER C 141 4.27 17.08 -16.34
C SER C 141 4.07 18.12 -15.26
N PRO C 142 2.89 18.12 -14.65
CA PRO C 142 2.50 19.06 -13.63
C PRO C 142 3.50 19.12 -12.46
N ARG C 143 3.99 17.96 -12.04
CA ARG C 143 4.88 17.90 -10.85
C ARG C 143 6.32 18.33 -11.14
N ASP C 144 6.67 18.44 -12.43
CA ASP C 144 8.02 18.92 -12.85
C ASP C 144 8.48 20.21 -12.10
N ALA C 145 7.59 21.20 -11.96
CA ALA C 145 7.95 22.47 -11.30
C ALA C 145 8.22 22.27 -9.81
N TRP C 146 7.75 21.14 -9.28
CA TRP C 146 7.90 20.82 -7.86
C TRP C 146 8.99 19.81 -7.60
N LEU C 147 9.49 19.14 -8.64
CA LEU C 147 10.68 18.27 -8.47
C LEU C 147 12.04 18.99 -8.51
N TYR C 148 12.11 20.08 -9.25
CA TYR C 148 13.34 20.81 -9.55
C TYR C 148 13.27 22.30 -9.23
N GLU C 149 14.29 22.82 -8.59
CA GLU C 149 14.61 24.25 -8.51
C GLU C 149 14.16 25.25 -9.60
N MET D 1 7.32 13.46 27.40
CA MET D 1 8.11 12.72 26.38
C MET D 1 8.67 13.64 25.29
N GLU D 2 9.81 13.24 24.71
CA GLU D 2 10.48 14.03 23.70
C GLU D 2 9.59 14.36 22.51
N ARG D 3 9.72 15.61 22.06
CA ARG D 3 8.98 16.19 20.96
C ARG D 3 9.90 16.73 19.88
N THR D 4 9.45 16.70 18.63
CA THR D 4 10.21 17.27 17.52
C THR D 4 9.26 17.91 16.55
N PHE D 5 9.76 18.90 15.80
CA PHE D 5 9.04 19.58 14.75
C PHE D 5 9.33 18.91 13.40
N LEU D 6 8.26 18.64 12.63
CA LEU D 6 8.35 18.08 11.29
C LEU D 6 7.41 18.88 10.41
N MET D 7 7.77 19.01 9.15
CA MET D 7 7.03 19.84 8.23
C MET D 7 7.06 19.13 6.89
N ILE D 8 5.90 18.73 6.39
CA ILE D 8 5.78 18.28 4.99
C ILE D 8 5.88 19.54 4.10
N LYS D 9 6.84 19.56 3.18
CA LYS D 9 7.25 20.79 2.45
C LYS D 9 6.30 20.94 1.29
N PRO D 10 6.35 22.11 0.61
CA PRO D 10 5.31 22.30 -0.42
C PRO D 10 5.38 21.36 -1.64
N ASP D 11 6.51 20.69 -1.89
CA ASP D 11 6.58 19.77 -2.99
C ASP D 11 5.72 18.57 -2.71
N ALA D 12 5.73 18.11 -1.47
CA ALA D 12 4.96 16.95 -1.11
C ALA D 12 3.48 17.33 -1.12
N VAL D 13 3.14 18.53 -0.68
CA VAL D 13 1.75 18.98 -0.79
C VAL D 13 1.25 18.98 -2.22
N GLN D 14 2.08 19.44 -3.15
CA GLN D 14 1.61 19.64 -4.52
C GLN D 14 1.70 18.40 -5.38
N ARG D 15 2.34 17.38 -4.80
CA ARG D 15 2.43 16.07 -5.39
C ARG D 15 1.42 15.12 -4.71
N ASN D 16 0.65 15.66 -3.74
CA ASN D 16 -0.44 14.93 -3.07
C ASN D 16 0.10 13.68 -2.38
N LEU D 17 1.19 13.89 -1.62
CA LEU D 17 1.86 12.88 -0.80
C LEU D 17 1.65 13.07 0.70
N ILE D 18 0.71 13.94 1.05
CA ILE D 18 0.56 14.28 2.46
C ILE D 18 0.21 13.04 3.26
N GLY D 19 -0.79 12.27 2.82
CA GLY D 19 -1.22 11.04 3.54
C GLY D 19 -0.13 9.96 3.64
N GLU D 20 0.50 9.69 2.51
CA GLU D 20 1.71 8.86 2.39
C GLU D 20 2.82 9.25 3.39
N VAL D 21 3.19 10.51 3.47
CA VAL D 21 4.23 10.93 4.44
C VAL D 21 3.76 10.76 5.85
N ILE D 22 2.55 11.25 6.16
CA ILE D 22 1.95 11.00 7.49
C ILE D 22 1.88 9.52 7.88
N SER D 23 1.51 8.64 6.95
CA SER D 23 1.44 7.21 7.29
C SER D 23 2.81 6.65 7.69
N ARG D 24 3.87 7.21 7.09
CA ARG D 24 5.23 6.70 7.39
C ARG D 24 5.65 7.10 8.80
N ILE D 25 5.32 8.34 9.16
CA ILE D 25 5.55 8.87 10.53
C ILE D 25 4.77 8.08 11.54
N GLU D 26 3.48 7.91 11.28
CA GLU D 26 2.59 7.10 12.15
C GLU D 26 3.00 5.66 12.39
N ARG D 27 3.34 4.92 11.33
CA ARG D 27 3.58 3.48 11.46
C ARG D 27 4.90 3.22 12.18
N LYS D 28 5.74 4.24 12.22
CA LYS D 28 7.01 4.16 12.93
C LYS D 28 6.77 4.16 14.44
N GLY D 29 5.59 4.61 14.86
CA GLY D 29 5.27 4.61 16.29
C GLY D 29 5.30 6.00 16.92
N LEU D 30 5.52 6.99 16.08
CA LEU D 30 5.53 8.35 16.52
C LEU D 30 4.09 8.92 16.63
N LYS D 31 3.88 9.73 17.66
CA LYS D 31 2.56 10.27 17.95
C LYS D 31 2.44 11.71 17.47
N LEU D 32 1.50 11.88 16.54
CA LEU D 32 1.11 13.19 16.07
C LEU D 32 0.37 13.94 17.20
N VAL D 33 0.95 15.03 17.64
CA VAL D 33 0.48 15.75 18.81
C VAL D 33 0.13 17.21 18.40
N GLY D 34 0.68 17.68 17.30
CA GLY D 34 0.29 18.99 16.77
C GLY D 34 0.28 18.88 15.26
N GLY D 35 -0.61 19.61 14.58
CA GLY D 35 -0.68 19.48 13.13
C GLY D 35 -1.55 20.55 12.52
N LYS D 36 -1.00 21.27 11.55
CA LYS D 36 -1.80 22.22 10.82
C LYS D 36 -1.24 22.44 9.42
N LEU D 37 -2.15 22.66 8.48
CA LEU D 37 -1.82 23.04 7.12
C LEU D 37 -1.83 24.57 7.07
N MET D 38 -0.78 25.17 6.50
CA MET D 38 -0.62 26.59 6.60
C MET D 38 0.30 27.11 5.51
N GLN D 39 -0.09 28.26 4.93
CA GLN D 39 0.81 29.11 4.13
C GLN D 39 1.87 29.63 5.10
N VAL D 40 3.14 29.65 4.72
CA VAL D 40 4.21 30.11 5.64
C VAL D 40 4.55 31.59 5.33
N PRO D 41 4.33 32.49 6.32
CA PRO D 41 4.76 33.89 6.10
C PRO D 41 6.27 34.01 5.89
N MET D 42 6.65 35.03 5.14
CA MET D 42 8.03 35.39 4.81
C MET D 42 8.90 35.47 6.06
N GLU D 43 8.43 36.25 7.02
CA GLU D 43 9.12 36.42 8.28
C GLU D 43 9.43 35.05 8.93
N LEU D 44 8.43 34.15 8.94
CA LEU D 44 8.58 32.81 9.53
C LEU D 44 9.61 31.94 8.78
N ALA D 45 9.53 31.94 7.47
CA ALA D 45 10.52 31.22 6.67
C ALA D 45 11.97 31.67 7.01
N GLU D 46 12.18 32.96 7.16
CA GLU D 46 13.55 33.45 7.38
C GLU D 46 14.03 33.04 8.77
N THR D 47 13.16 33.13 9.77
CA THR D 47 13.68 32.77 11.09
C THR D 47 13.83 31.28 11.26
N HIS D 48 13.00 30.52 10.52
CA HIS D 48 13.10 29.05 10.51
C HIS D 48 14.42 28.65 9.88
N TYR D 49 14.69 29.20 8.72
CA TYR D 49 15.90 28.77 8.01
C TYR D 49 17.12 29.74 8.22
N GLY D 50 17.11 30.46 9.35
CA GLY D 50 18.11 31.53 9.63
C GLY D 50 19.58 31.13 9.46
N GLU D 51 19.91 29.92 9.92
CA GLU D 51 21.23 29.35 9.86
C GLU D 51 21.81 29.23 8.44
N HIS D 52 20.95 29.30 7.43
CA HIS D 52 21.35 29.20 6.01
C HIS D 52 21.43 30.53 5.24
N GLN D 53 21.26 31.64 5.94
CA GLN D 53 21.22 32.95 5.32
C GLN D 53 22.51 33.30 4.54
N GLY D 54 23.63 32.63 4.85
CA GLY D 54 24.82 32.87 4.03
C GLY D 54 24.50 32.44 2.60
N LYS D 55 24.18 31.15 2.52
CA LYS D 55 24.39 30.25 1.41
C LYS D 55 23.80 30.61 0.05
N PRO D 56 24.35 29.98 -1.03
CA PRO D 56 23.93 30.15 -2.43
C PRO D 56 22.51 29.63 -2.74
N PHE D 57 22.08 28.59 -2.02
CA PHE D 57 20.69 28.10 -2.18
C PHE D 57 19.65 28.86 -1.31
N TYR D 58 20.11 29.75 -0.41
CA TYR D 58 19.17 30.40 0.54
C TYR D 58 17.95 31.02 -0.13
N ASN D 59 18.15 31.81 -1.19
CA ASN D 59 17.03 32.48 -1.85
C ASN D 59 15.97 31.56 -2.50
N ASP D 60 16.43 30.45 -3.11
CA ASP D 60 15.55 29.39 -3.66
C ASP D 60 14.73 28.68 -2.55
N LEU D 61 15.43 28.27 -1.50
CA LEU D 61 14.85 27.73 -0.28
C LEU D 61 13.70 28.56 0.27
N ILE D 62 13.95 29.84 0.50
CA ILE D 62 12.92 30.77 1.02
C ILE D 62 11.76 30.90 0.05
N SER D 63 12.04 31.01 -1.27
CA SER D 63 10.94 31.11 -2.26
C SER D 63 10.09 29.84 -2.23
N PHE D 64 10.80 28.70 -2.18
CA PHE D 64 10.19 27.40 -2.21
C PHE D 64 9.32 27.15 -1.01
N ILE D 65 9.81 27.48 0.20
CA ILE D 65 9.05 27.11 1.40
C ILE D 65 7.84 28.03 1.52
N THR D 66 7.85 29.14 0.80
CA THR D 66 6.74 30.08 0.86
C THR D 66 5.84 30.02 -0.35
N SER D 67 6.00 28.98 -1.19
CA SER D 67 5.31 29.01 -2.51
C SER D 67 3.98 28.21 -2.52
N ALA D 68 3.74 27.41 -1.49
CA ALA D 68 2.42 26.77 -1.31
C ALA D 68 2.38 26.17 0.08
N PRO D 69 1.18 25.77 0.53
CA PRO D 69 1.11 25.37 1.92
C PRO D 69 2.06 24.24 2.32
N VAL D 70 2.31 24.18 3.62
CA VAL D 70 3.06 23.11 4.21
C VAL D 70 2.15 22.48 5.21
N PHE D 71 2.54 21.30 5.69
CA PHE D 71 1.83 20.75 6.81
C PHE D 71 2.81 20.67 7.94
N ALA D 72 2.62 21.58 8.92
CA ALA D 72 3.49 21.68 10.11
C ALA D 72 3.05 20.73 11.20
N MET D 73 3.99 20.07 11.87
CA MET D 73 3.61 19.07 12.86
C MET D 73 4.49 19.08 14.07
N VAL D 74 3.92 18.60 15.16
CA VAL D 74 4.68 18.29 16.33
C VAL D 74 4.39 16.84 16.53
N VAL D 75 5.44 16.10 16.84
CA VAL D 75 5.35 14.68 16.92
C VAL D 75 6.12 14.23 18.20
N GLU D 76 5.67 13.16 18.81
CA GLU D 76 6.09 12.80 20.12
C GLU D 76 6.53 11.36 20.13
N GLY D 77 7.58 11.09 20.89
CA GLY D 77 8.05 9.70 21.05
C GLY D 77 9.41 9.69 21.73
N GLU D 78 9.79 8.52 22.21
CA GLU D 78 11.09 8.31 22.81
C GLU D 78 12.14 8.56 21.74
N ASP D 79 13.09 9.45 22.01
CA ASP D 79 14.19 9.70 21.06
C ASP D 79 13.57 10.10 19.75
N ALA D 80 12.43 10.80 19.85
CA ALA D 80 11.75 11.46 18.69
C ALA D 80 12.56 12.25 17.65
N VAL D 81 13.50 13.09 18.09
CA VAL D 81 14.34 13.85 17.18
C VAL D 81 15.25 13.00 16.24
N ASN D 82 16.00 12.04 16.81
CA ASN D 82 16.83 11.15 16.01
C ASN D 82 15.97 10.12 15.30
N VAL D 83 14.87 9.65 15.92
CA VAL D 83 14.01 8.64 15.26
C VAL D 83 13.50 9.22 13.92
N SER D 84 13.02 10.45 13.98
CA SER D 84 12.46 11.10 12.80
C SER D 84 13.51 11.33 11.72
N ARG D 85 14.67 11.87 12.11
CA ARG D 85 15.80 12.05 11.20
C ARG D 85 16.10 10.73 10.49
N HIS D 86 16.03 9.66 11.24
CA HIS D 86 16.33 8.35 10.71
C HIS D 86 15.34 7.99 9.57
N ILE D 87 14.02 8.14 9.79
CA ILE D 87 13.04 7.68 8.78
C ILE D 87 12.99 8.65 7.63
N ILE D 88 13.45 9.88 7.92
CA ILE D 88 13.44 10.93 6.91
C ILE D 88 14.60 10.71 5.93
N GLY D 89 15.81 10.46 6.45
CA GLY D 89 16.98 10.27 5.62
C GLY D 89 17.75 11.51 5.22
N SER D 90 18.90 11.26 4.64
CA SER D 90 19.89 12.27 4.29
C SER D 90 19.27 13.34 3.47
N THR D 91 19.72 14.58 3.69
CA THR D 91 19.27 15.76 2.98
C THR D 91 19.21 15.56 1.48
N ASN D 92 20.27 14.99 0.90
CA ASN D 92 20.25 14.68 -0.52
C ASN D 92 19.52 13.34 -0.74
N PRO D 93 18.35 13.39 -1.41
CA PRO D 93 17.62 12.16 -1.65
C PRO D 93 18.35 11.10 -2.50
N SER D 94 19.42 11.41 -3.25
CA SER D 94 20.20 10.30 -3.81
C SER D 94 21.23 9.67 -2.91
N GLU D 95 21.39 10.24 -1.71
CA GLU D 95 22.19 9.61 -0.66
C GLU D 95 21.30 9.04 0.47
N ALA D 96 20.04 9.44 0.48
CA ALA D 96 19.14 9.04 1.54
C ALA D 96 18.91 7.55 1.40
N SER D 97 19.02 6.80 2.47
CA SER D 97 18.74 5.36 2.32
C SER D 97 17.42 5.06 1.59
N PRO D 98 17.41 4.06 0.67
CA PRO D 98 16.14 3.60 0.20
C PRO D 98 15.30 3.12 1.39
N GLY D 99 13.99 3.25 1.24
CA GLY D 99 13.12 3.05 2.40
C GLY D 99 12.84 4.28 3.27
N SER D 100 13.68 5.32 3.20
CA SER D 100 13.46 6.56 3.98
C SER D 100 12.47 7.44 3.23
N ILE D 101 11.92 8.44 3.90
CA ILE D 101 10.97 9.32 3.22
C ILE D 101 11.64 9.96 2.02
N ARG D 102 12.77 10.65 2.22
CA ARG D 102 13.42 11.29 1.06
C ARG D 102 13.99 10.31 -0.01
N GLY D 103 14.53 9.18 0.45
CA GLY D 103 15.08 8.15 -0.44
C GLY D 103 14.06 7.55 -1.39
N ASP D 104 12.83 7.45 -0.94
CA ASP D 104 11.78 6.85 -1.79
C ASP D 104 11.05 7.94 -2.57
N LEU D 105 10.92 9.11 -2.00
CA LEU D 105 10.02 10.11 -2.59
C LEU D 105 10.68 11.39 -3.11
N GLY D 106 11.88 11.71 -2.63
CA GLY D 106 12.53 12.95 -3.06
C GLY D 106 13.38 12.72 -4.28
N LEU D 107 13.38 13.68 -5.23
CA LEU D 107 14.30 13.61 -6.43
C LEU D 107 15.59 14.40 -6.25
N THR D 108 15.47 15.68 -5.87
CA THR D 108 16.65 16.55 -5.67
C THR D 108 16.77 17.09 -4.27
N VAL D 109 17.98 17.50 -3.92
CA VAL D 109 18.29 18.06 -2.61
C VAL D 109 17.44 19.26 -2.18
N GLY D 110 17.14 20.18 -3.10
CA GLY D 110 16.27 21.31 -2.79
C GLY D 110 14.74 21.05 -2.73
N ARG D 111 14.29 19.89 -3.24
CA ARG D 111 12.84 19.51 -3.24
C ARG D 111 12.74 18.12 -2.58
N ASN D 112 12.84 18.10 -1.27
CA ASN D 112 13.15 16.87 -0.56
C ASN D 112 12.10 16.52 0.48
N ILE D 113 10.86 16.95 0.23
CA ILE D 113 9.68 16.34 0.85
C ILE D 113 9.32 16.79 2.28
N ILE D 114 10.22 16.60 3.24
CA ILE D 114 9.92 16.87 4.65
C ILE D 114 11.17 17.51 5.39
N HIS D 115 10.91 18.39 6.35
CA HIS D 115 11.94 18.90 7.28
C HIS D 115 11.72 18.18 8.60
N GLY D 116 12.81 17.84 9.29
CA GLY D 116 12.72 17.41 10.68
C GLY D 116 13.75 18.21 11.48
N SER D 117 13.40 18.63 12.72
CA SER D 117 14.36 19.35 13.57
C SER D 117 15.66 18.56 13.72
N ASP D 118 16.81 19.25 13.69
CA ASP D 118 18.12 18.55 13.68
C ASP D 118 18.73 18.15 15.07
N SER D 119 18.14 18.64 16.17
CA SER D 119 18.60 18.28 17.53
C SER D 119 17.55 18.69 18.57
N LEU D 120 17.69 18.25 19.83
CA LEU D 120 16.77 18.70 20.88
C LEU D 120 16.55 20.22 20.86
N GLU D 121 17.65 20.93 20.84
CA GLU D 121 17.56 22.35 21.01
C GLU D 121 16.86 23.06 19.83
N SER D 122 17.11 22.62 18.60
CA SER D 122 16.39 23.21 17.49
C SER D 122 14.95 22.72 17.45
N ALA D 123 14.67 21.50 17.93
CA ALA D 123 13.27 21.06 18.12
C ALA D 123 12.51 22.09 18.98
N GLU D 124 13.09 22.44 20.13
CA GLU D 124 12.36 23.29 21.08
C GLU D 124 12.19 24.68 20.50
N ARG D 125 13.25 25.14 19.85
CA ARG D 125 13.19 26.38 19.13
C ARG D 125 12.15 26.37 18.02
N GLU D 126 12.16 25.31 17.20
CA GLU D 126 11.18 25.21 16.08
C GLU D 126 9.71 24.97 16.53
N ILE D 127 9.52 24.11 17.49
CA ILE D 127 8.17 23.93 18.00
C ILE D 127 7.57 25.25 18.54
N ASN D 128 8.31 26.00 19.34
CA ASN D 128 7.81 27.31 19.84
C ASN D 128 7.71 28.37 18.77
N LEU D 129 8.52 28.27 17.74
CA LEU D 129 8.40 29.18 16.59
C LEU D 129 7.08 28.96 15.83
N TRP D 130 6.69 27.70 15.67
CA TRP D 130 5.63 27.33 14.76
C TRP D 130 4.27 27.13 15.41
N PHE D 131 4.26 26.77 16.70
CA PHE D 131 3.03 26.48 17.37
C PHE D 131 2.87 27.22 18.72
N ASN D 132 1.65 27.63 19.04
CA ASN D 132 1.37 27.97 20.45
C ASN D 132 1.08 26.67 21.20
N GLU D 133 1.31 26.68 22.52
CA GLU D 133 1.13 25.43 23.24
C GLU D 133 -0.33 24.98 23.19
N ASN D 134 -1.28 25.86 23.06
CA ASN D 134 -2.71 25.47 23.05
C ASN D 134 -3.06 24.69 21.77
N GLU D 135 -2.14 24.70 20.81
CA GLU D 135 -2.37 24.05 19.53
C GLU D 135 -1.79 22.64 19.59
N ILE D 136 -1.12 22.32 20.71
CA ILE D 136 -0.44 21.04 20.90
C ILE D 136 -1.22 20.23 21.92
N THR D 137 -1.76 19.09 21.49
CA THR D 137 -2.64 18.23 22.29
C THR D 137 -1.75 17.29 23.07
N SER D 138 -2.18 16.80 24.22
CA SER D 138 -1.42 15.79 24.96
C SER D 138 -2.40 14.67 25.16
N TYR D 139 -2.07 13.42 24.86
CA TYR D 139 -3.05 12.35 25.03
C TYR D 139 -2.39 11.01 25.06
N ALA D 140 -2.94 10.10 25.84
CA ALA D 140 -2.52 8.71 25.79
C ALA D 140 -3.18 8.00 24.57
N SER D 141 -2.44 7.06 23.98
CA SER D 141 -2.98 6.19 22.96
C SER D 141 -2.94 4.70 23.33
N PRO D 142 -3.89 3.93 22.80
CA PRO D 142 -3.88 2.49 23.11
C PRO D 142 -2.54 1.81 22.82
N ARG D 143 -1.81 2.27 21.79
CA ARG D 143 -0.55 1.58 21.44
C ARG D 143 0.65 1.93 22.36
N ASP D 144 0.53 2.94 23.22
CA ASP D 144 1.73 3.42 23.90
C ASP D 144 2.35 2.28 24.68
N ALA D 145 1.52 1.49 25.35
CA ALA D 145 1.99 0.44 26.27
C ALA D 145 2.66 -0.74 25.53
N TRP D 146 2.55 -0.73 24.21
CA TRP D 146 3.17 -1.70 23.35
C TRP D 146 4.37 -1.15 22.58
N LEU D 147 4.43 0.17 22.41
CA LEU D 147 5.59 0.83 21.78
C LEU D 147 6.82 0.91 22.72
N TYR D 148 6.55 0.92 24.03
CA TYR D 148 7.54 1.22 25.07
C TYR D 148 7.51 0.25 26.23
N GLU D 149 8.57 0.13 26.99
CA GLU D 149 8.49 -0.56 28.27
C GLU D 149 8.21 0.46 29.30
N MET E 1 -17.31 -13.18 23.16
CA MET E 1 -17.78 -12.43 21.95
C MET E 1 -17.83 -13.27 20.65
N GLU E 2 -18.62 -12.78 19.68
CA GLU E 2 -18.91 -13.49 18.43
C GLU E 2 -17.64 -13.82 17.62
N ARG E 3 -17.60 -15.05 17.14
CA ARG E 3 -16.46 -15.55 16.40
C ARG E 3 -16.89 -16.14 15.07
N THR E 4 -16.00 -16.09 14.09
CA THR E 4 -16.27 -16.78 12.84
C THR E 4 -15.07 -17.58 12.34
N PHE E 5 -15.26 -18.46 11.36
CA PHE E 5 -14.09 -19.16 10.84
C PHE E 5 -13.80 -18.59 9.45
N LEU E 6 -12.55 -18.23 9.21
CA LEU E 6 -12.10 -17.73 7.90
C LEU E 6 -10.94 -18.59 7.48
N MET E 7 -10.80 -18.78 6.17
CA MET E 7 -9.73 -19.58 5.66
C MET E 7 -9.17 -19.00 4.37
N ILE E 8 -7.90 -18.64 4.37
CA ILE E 8 -7.24 -18.17 3.17
C ILE E 8 -6.98 -19.40 2.34
N LYS E 9 -7.60 -19.45 1.15
CA LYS E 9 -7.62 -20.64 0.31
C LYS E 9 -6.26 -20.81 -0.44
N PRO E 10 -6.01 -21.96 -1.09
CA PRO E 10 -4.69 -22.26 -1.73
C PRO E 10 -4.30 -21.32 -2.87
N ASP E 11 -5.27 -20.82 -3.62
CA ASP E 11 -5.02 -19.85 -4.65
C ASP E 11 -4.30 -18.60 -4.09
N ALA E 12 -4.80 -18.02 -3.00
CA ALA E 12 -4.15 -16.89 -2.35
C ALA E 12 -2.81 -17.27 -1.72
N VAL E 13 -2.72 -18.48 -1.15
CA VAL E 13 -1.42 -18.96 -0.68
C VAL E 13 -0.32 -19.05 -1.80
N GLN E 14 -0.68 -19.64 -2.93
CA GLN E 14 0.25 -19.85 -4.05
C GLN E 14 0.44 -18.59 -4.93
N ARG E 15 -0.32 -17.55 -4.64
CA ARG E 15 -0.17 -16.28 -5.30
C ARG E 15 0.52 -15.34 -4.33
N ASN E 16 0.86 -15.84 -3.15
CA ASN E 16 1.61 -15.05 -2.14
C ASN E 16 0.89 -13.78 -1.65
N LEU E 17 -0.39 -13.94 -1.32
CA LEU E 17 -1.26 -12.86 -0.86
C LEU E 17 -1.71 -13.05 0.59
N ILE E 18 -1.00 -13.87 1.37
CA ILE E 18 -1.46 -14.22 2.69
C ILE E 18 -1.50 -12.96 3.52
N GLY E 19 -0.38 -12.20 3.52
CA GLY E 19 -0.25 -10.99 4.29
C GLY E 19 -1.29 -9.97 3.91
N GLU E 20 -1.51 -9.81 2.60
CA GLU E 20 -2.49 -8.87 2.06
C GLU E 20 -3.93 -9.15 2.53
N VAL E 21 -4.30 -10.41 2.59
CA VAL E 21 -5.63 -10.76 3.03
C VAL E 21 -5.76 -10.54 4.55
N ILE E 22 -4.74 -10.94 5.30
CA ILE E 22 -4.72 -10.72 6.76
C ILE E 22 -4.88 -9.25 7.09
N SER E 23 -4.17 -8.41 6.34
CA SER E 23 -4.20 -6.96 6.52
C SER E 23 -5.60 -6.39 6.29
N ARG E 24 -6.27 -6.83 5.24
CA ARG E 24 -7.67 -6.47 5.03
C ARG E 24 -8.54 -6.81 6.25
N ILE E 25 -8.41 -8.02 6.77
CA ILE E 25 -9.10 -8.39 7.98
C ILE E 25 -8.71 -7.52 9.18
N GLU E 26 -7.40 -7.33 9.39
CA GLU E 26 -6.94 -6.58 10.57
C GLU E 26 -7.40 -5.11 10.58
N ARG E 27 -7.36 -4.41 9.43
CA ARG E 27 -7.75 -3.02 9.45
C ARG E 27 -9.28 -2.85 9.57
N LYS E 28 -10.05 -3.90 9.31
CA LYS E 28 -11.48 -3.83 9.53
C LYS E 28 -11.74 -3.87 11.02
N GLY E 29 -10.74 -4.18 11.80
CA GLY E 29 -10.98 -4.15 13.18
C GLY E 29 -11.28 -5.50 13.76
N LEU E 30 -11.27 -6.56 12.94
CA LEU E 30 -11.46 -7.94 13.42
C LEU E 30 -10.21 -8.42 14.17
N LYS E 31 -10.39 -9.28 15.19
CA LYS E 31 -9.29 -9.75 16.00
C LYS E 31 -9.05 -11.19 15.67
N LEU E 32 -7.84 -11.46 15.20
CA LEU E 32 -7.31 -12.79 14.99
C LEU E 32 -7.06 -13.51 16.34
N VAL E 33 -7.71 -14.64 16.54
CA VAL E 33 -7.73 -15.30 17.83
C VAL E 33 -7.19 -16.74 17.68
N GLY E 34 -7.28 -17.27 16.46
CA GLY E 34 -6.62 -18.53 16.13
C GLY E 34 -6.13 -18.44 14.69
N GLY E 35 -5.00 -19.09 14.37
CA GLY E 35 -4.52 -19.09 13.00
C GLY E 35 -3.45 -20.14 12.81
N LYS E 36 -3.57 -20.96 11.79
CA LYS E 36 -2.51 -21.88 11.48
C LYS E 36 -2.46 -22.17 10.01
N LEU E 37 -1.25 -22.23 9.46
CA LEU E 37 -0.98 -22.73 8.15
C LEU E 37 -1.02 -24.27 8.19
N MET E 38 -1.77 -24.90 7.28
CA MET E 38 -2.00 -26.32 7.30
C MET E 38 -2.47 -26.80 5.94
N GLN E 39 -2.13 -28.04 5.65
CA GLN E 39 -2.65 -28.81 4.58
C GLN E 39 -4.02 -29.37 4.99
N VAL E 40 -5.01 -29.37 4.11
CA VAL E 40 -6.34 -29.89 4.43
C VAL E 40 -6.46 -31.39 4.06
N PRO E 41 -6.69 -32.25 5.05
CA PRO E 41 -7.00 -33.67 4.82
C PRO E 41 -8.29 -33.82 3.99
N MET E 42 -8.33 -34.82 3.11
CA MET E 42 -9.52 -35.19 2.34
C MET E 42 -10.79 -35.20 3.20
N GLU E 43 -10.72 -35.87 4.35
CA GLU E 43 -11.88 -36.00 5.27
C GLU E 43 -12.32 -34.63 5.79
N LEU E 44 -11.38 -33.77 6.14
CA LEU E 44 -11.82 -32.48 6.63
C LEU E 44 -12.49 -31.61 5.53
N ALA E 45 -11.92 -31.63 4.35
CA ALA E 45 -12.43 -30.90 3.21
C ALA E 45 -13.90 -31.27 2.92
N GLU E 46 -14.16 -32.58 2.94
CA GLU E 46 -15.45 -33.18 2.60
C GLU E 46 -16.48 -32.86 3.62
N THR E 47 -16.10 -32.92 4.90
CA THR E 47 -17.08 -32.59 5.93
C THR E 47 -17.34 -31.05 5.92
N HIS E 48 -16.28 -30.25 5.82
CA HIS E 48 -16.38 -28.79 5.68
C HIS E 48 -17.29 -28.35 4.52
N TYR E 49 -17.09 -28.96 3.36
CA TYR E 49 -17.89 -28.56 2.21
C TYR E 49 -19.03 -29.56 1.84
N GLY E 50 -19.37 -30.47 2.75
CA GLY E 50 -20.39 -31.49 2.49
C GLY E 50 -21.73 -31.06 1.91
N GLU E 51 -22.19 -29.86 2.29
CA GLU E 51 -23.47 -29.32 1.77
C GLU E 51 -23.48 -29.19 0.22
N HIS E 52 -22.31 -29.11 -0.40
CA HIS E 52 -22.23 -29.00 -1.87
C HIS E 52 -22.08 -30.34 -2.64
N GLN E 53 -22.15 -31.46 -1.91
CA GLN E 53 -21.84 -32.83 -2.43
C GLN E 53 -22.13 -33.18 -3.92
N GLY E 54 -23.36 -33.09 -4.40
CA GLY E 54 -23.65 -33.34 -5.84
C GLY E 54 -23.88 -32.12 -6.75
N LYS E 55 -23.21 -31.01 -6.46
CA LYS E 55 -23.18 -29.88 -7.40
C LYS E 55 -22.07 -30.18 -8.39
N PRO E 56 -22.19 -29.70 -9.63
CA PRO E 56 -21.19 -30.00 -10.67
C PRO E 56 -19.73 -29.67 -10.29
N PHE E 57 -19.51 -28.59 -9.51
CA PHE E 57 -18.19 -28.08 -9.12
C PHE E 57 -17.56 -28.78 -7.90
N TYR E 58 -18.33 -29.64 -7.25
CA TYR E 58 -17.89 -30.24 -5.99
C TYR E 58 -16.55 -31.00 -6.06
N ASN E 59 -16.37 -31.84 -7.07
CA ASN E 59 -15.08 -32.55 -7.18
C ASN E 59 -13.89 -31.61 -7.31
N ASP E 60 -14.06 -30.59 -8.13
CA ASP E 60 -13.09 -29.54 -8.29
C ASP E 60 -12.86 -28.79 -6.95
N LEU E 61 -13.95 -28.52 -6.23
CA LEU E 61 -13.90 -27.84 -4.97
C LEU E 61 -13.00 -28.58 -4.02
N ILE E 62 -13.28 -29.88 -3.90
CA ILE E 62 -12.55 -30.74 -2.95
C ILE E 62 -11.06 -30.91 -3.36
N SER E 63 -10.77 -31.13 -4.66
CA SER E 63 -9.36 -31.23 -5.12
C SER E 63 -8.58 -29.92 -4.90
N PHE E 64 -9.22 -28.79 -5.21
CA PHE E 64 -8.59 -27.45 -5.03
C PHE E 64 -8.22 -27.23 -3.59
N ILE E 65 -9.20 -27.36 -2.70
CA ILE E 65 -9.00 -26.99 -1.30
C ILE E 65 -7.97 -27.91 -0.67
N THR E 66 -7.75 -29.09 -1.27
CA THR E 66 -6.74 -30.03 -0.72
C THR E 66 -5.39 -29.96 -1.45
N SER E 67 -5.27 -29.05 -2.44
CA SER E 67 -4.16 -29.10 -3.36
C SER E 67 -2.88 -28.43 -2.85
N ALA E 68 -3.00 -27.61 -1.82
CA ALA E 68 -1.86 -26.92 -1.27
C ALA E 68 -2.37 -26.39 0.04
N PRO E 69 -1.48 -25.85 0.90
CA PRO E 69 -1.94 -25.37 2.20
C PRO E 69 -2.86 -24.15 2.18
N VAL E 70 -3.68 -24.05 3.25
CA VAL E 70 -4.59 -22.96 3.50
C VAL E 70 -4.17 -22.27 4.79
N PHE E 71 -4.56 -20.99 4.97
CA PHE E 71 -4.39 -20.34 6.27
C PHE E 71 -5.71 -20.28 7.06
N ALA E 72 -5.89 -21.19 8.04
CA ALA E 72 -7.13 -21.31 8.77
C ALA E 72 -7.09 -20.37 9.97
N MET E 73 -8.23 -19.75 10.26
CA MET E 73 -8.32 -18.61 11.20
C MET E 73 -9.63 -18.60 11.99
N VAL E 74 -9.52 -18.19 13.25
CA VAL E 74 -10.70 -17.82 14.02
C VAL E 74 -10.55 -16.35 14.27
N VAL E 75 -11.62 -15.65 13.99
CA VAL E 75 -11.63 -14.20 14.06
C VAL E 75 -12.79 -13.75 14.97
N GLU E 76 -12.53 -12.82 15.86
CA GLU E 76 -13.50 -12.32 16.79
C GLU E 76 -13.85 -10.81 16.59
N GLY E 77 -15.11 -10.48 16.93
CA GLY E 77 -15.61 -9.10 16.89
C GLY E 77 -17.13 -9.11 16.89
N GLU E 78 -17.70 -7.95 17.20
CA GLU E 78 -19.14 -7.75 17.19
C GLU E 78 -19.62 -8.07 15.80
N ASP E 79 -20.59 -8.95 15.72
CA ASP E 79 -21.16 -9.28 14.42
C ASP E 79 -20.12 -9.86 13.46
N ALA E 80 -19.08 -10.53 13.99
CA ALA E 80 -17.96 -11.02 13.16
C ALA E 80 -18.34 -11.79 11.92
N VAL E 81 -19.41 -12.59 12.02
CA VAL E 81 -19.77 -13.49 10.92
C VAL E 81 -20.19 -12.66 9.72
N ASN E 82 -21.16 -11.73 9.90
CA ASN E 82 -21.63 -10.85 8.81
C ASN E 82 -20.61 -9.81 8.36
N VAL E 83 -19.92 -9.22 9.33
CA VAL E 83 -18.87 -8.23 9.05
C VAL E 83 -17.84 -8.87 8.12
N SER E 84 -17.38 -10.08 8.44
CA SER E 84 -16.48 -10.86 7.60
C SER E 84 -17.08 -11.14 6.23
N ARG E 85 -18.32 -11.64 6.19
CA ARG E 85 -18.89 -11.91 4.88
C ARG E 85 -18.88 -10.66 4.03
N HIS E 86 -19.04 -9.52 4.70
CA HIS E 86 -19.32 -8.29 3.99
C HIS E 86 -18.03 -7.83 3.30
N ILE E 87 -16.87 -7.98 3.95
CA ILE E 87 -15.54 -7.54 3.38
C ILE E 87 -14.94 -8.62 2.49
N ILE E 88 -15.37 -9.85 2.68
CA ILE E 88 -15.04 -10.87 1.71
C ILE E 88 -15.77 -10.63 0.37
N GLY E 89 -17.06 -10.25 0.43
CA GLY E 89 -17.91 -10.12 -0.77
C GLY E 89 -18.50 -11.40 -1.38
N SER E 90 -19.28 -11.26 -2.46
CA SER E 90 -20.01 -12.37 -3.08
C SER E 90 -19.11 -13.51 -3.56
N THR E 91 -19.69 -14.70 -3.56
CA THR E 91 -19.04 -15.92 -3.95
C THR E 91 -18.29 -15.74 -5.27
N ASN E 92 -18.99 -15.15 -6.26
CA ASN E 92 -18.47 -14.86 -7.57
C ASN E 92 -17.72 -13.51 -7.58
N PRO E 93 -16.40 -13.56 -7.75
CA PRO E 93 -15.58 -12.33 -7.70
C PRO E 93 -16.02 -11.24 -8.67
N SER E 94 -16.75 -11.57 -9.72
CA SER E 94 -17.15 -10.50 -10.58
C SER E 94 -18.55 -9.94 -10.26
N GLU E 95 -19.20 -10.54 -9.26
CA GLU E 95 -20.31 -9.92 -8.54
C GLU E 95 -19.85 -9.18 -7.29
N ALA E 96 -18.84 -9.71 -6.61
CA ALA E 96 -18.32 -9.16 -5.38
C ALA E 96 -17.91 -7.68 -5.59
N SER E 97 -18.30 -6.83 -4.64
CA SER E 97 -18.08 -5.39 -4.73
C SER E 97 -16.61 -5.10 -4.90
N PRO E 98 -16.28 -4.16 -5.80
CA PRO E 98 -14.89 -3.67 -5.80
C PRO E 98 -14.55 -3.23 -4.39
N GLY E 99 -13.33 -3.47 -3.93
CA GLY E 99 -12.91 -3.10 -2.55
C GLY E 99 -13.05 -4.28 -1.59
N SER E 100 -13.85 -5.28 -1.97
CA SER E 100 -13.93 -6.51 -1.19
C SER E 100 -12.76 -7.44 -1.53
N ILE E 101 -12.50 -8.41 -0.69
CA ILE E 101 -11.31 -9.25 -0.90
C ILE E 101 -11.48 -9.96 -2.25
N ARG E 102 -12.67 -10.52 -2.48
CA ARG E 102 -12.91 -11.31 -3.69
C ARG E 102 -13.05 -10.42 -4.90
N GLY E 103 -13.69 -9.25 -4.73
CA GLY E 103 -13.83 -8.27 -5.81
C GLY E 103 -12.50 -7.75 -6.34
N ASP E 104 -11.53 -7.53 -5.45
CA ASP E 104 -10.23 -7.02 -5.85
C ASP E 104 -9.25 -8.13 -6.31
N LEU E 105 -9.24 -9.26 -5.63
CA LEU E 105 -8.17 -10.27 -5.77
C LEU E 105 -8.55 -11.56 -6.48
N GLY E 106 -9.84 -11.93 -6.48
CA GLY E 106 -10.28 -13.17 -7.18
C GLY E 106 -10.67 -12.94 -8.63
N LEU E 107 -10.39 -13.90 -9.51
CA LEU E 107 -10.80 -13.81 -10.90
C LEU E 107 -12.06 -14.63 -11.23
N THR E 108 -12.16 -15.85 -10.70
CA THR E 108 -13.25 -16.79 -10.99
C THR E 108 -13.90 -17.30 -9.69
N VAL E 109 -15.14 -17.80 -9.79
CA VAL E 109 -15.86 -18.29 -8.65
C VAL E 109 -15.15 -19.51 -8.02
N GLY E 110 -14.54 -20.38 -8.83
CA GLY E 110 -13.81 -21.54 -8.33
C GLY E 110 -12.54 -21.20 -7.57
N ARG E 111 -11.99 -20.01 -7.82
CA ARG E 111 -10.71 -19.62 -7.21
C ARG E 111 -10.90 -18.26 -6.57
N ASN E 112 -11.53 -18.22 -5.38
CA ASN E 112 -12.04 -16.96 -4.85
C ASN E 112 -11.42 -16.57 -3.53
N ILE E 113 -10.19 -17.02 -3.32
CA ILE E 113 -9.30 -16.41 -2.36
C ILE E 113 -9.48 -16.80 -0.88
N ILE E 114 -10.69 -16.72 -0.36
CA ILE E 114 -10.90 -16.80 1.11
C ILE E 114 -12.30 -17.36 1.33
N HIS E 115 -12.42 -18.12 2.42
CA HIS E 115 -13.71 -18.68 2.87
C HIS E 115 -14.07 -18.00 4.21
N GLY E 116 -15.37 -17.71 4.40
CA GLY E 116 -15.92 -17.32 5.68
C GLY E 116 -17.24 -18.05 5.95
N SER E 117 -17.47 -18.38 7.22
CA SER E 117 -18.69 -19.09 7.66
C SER E 117 -19.88 -18.25 7.27
N ASP E 118 -20.96 -18.92 6.87
CA ASP E 118 -22.08 -18.16 6.35
C ASP E 118 -23.17 -17.87 7.39
N SER E 119 -23.04 -18.35 8.63
CA SER E 119 -24.04 -18.12 9.68
C SER E 119 -23.38 -18.32 11.03
N LEU E 120 -24.04 -17.85 12.09
CA LEU E 120 -23.57 -18.10 13.46
C LEU E 120 -23.42 -19.58 13.72
N GLU E 121 -24.39 -20.41 13.32
CA GLU E 121 -24.30 -21.83 13.61
C GLU E 121 -23.21 -22.45 12.72
N SER E 122 -23.13 -22.08 11.45
CA SER E 122 -22.04 -22.66 10.68
C SER E 122 -20.65 -22.15 11.19
N ALA E 123 -20.58 -20.97 11.82
CA ALA E 123 -19.29 -20.54 12.41
C ALA E 123 -18.88 -21.47 13.59
N GLU E 124 -19.78 -21.67 14.54
CA GLU E 124 -19.44 -22.62 15.60
C GLU E 124 -19.11 -24.04 15.11
N ARG E 125 -19.84 -24.54 14.12
CA ARG E 125 -19.49 -25.86 13.57
C ARG E 125 -18.09 -25.85 12.88
N GLU E 126 -17.84 -24.84 12.05
CA GLU E 126 -16.55 -24.80 11.34
C GLU E 126 -15.39 -24.50 12.29
N ILE E 127 -15.58 -23.59 13.23
CA ILE E 127 -14.57 -23.39 14.24
C ILE E 127 -14.22 -24.68 14.95
N ASN E 128 -15.24 -25.43 15.39
CA ASN E 128 -15.04 -26.71 16.09
C ASN E 128 -14.44 -27.79 15.23
N LEU E 129 -14.80 -27.80 13.95
CA LEU E 129 -14.25 -28.73 13.03
C LEU E 129 -12.75 -28.53 12.83
N TRP E 130 -12.32 -27.25 12.78
CA TRP E 130 -10.95 -26.91 12.36
C TRP E 130 -9.96 -26.70 13.50
N PHE E 131 -10.43 -26.22 14.65
CA PHE E 131 -9.53 -25.87 15.78
C PHE E 131 -9.97 -26.68 17.03
N ASN E 132 -9.04 -27.02 17.91
CA ASN E 132 -9.39 -27.38 19.32
C ASN E 132 -9.23 -26.06 20.10
N GLU E 133 -9.94 -25.96 21.22
CA GLU E 133 -9.95 -24.77 22.02
C GLU E 133 -8.65 -24.26 22.54
N ASN E 134 -7.74 -25.18 22.70
CA ASN E 134 -6.39 -24.89 23.13
C ASN E 134 -5.61 -24.28 21.96
N GLU E 135 -6.21 -24.25 20.77
CA GLU E 135 -5.56 -23.58 19.64
C GLU E 135 -6.03 -22.13 19.52
N ILE E 136 -7.08 -21.79 20.26
CA ILE E 136 -7.70 -20.48 20.14
C ILE E 136 -7.27 -19.68 21.34
N THR E 137 -6.62 -18.57 21.11
CA THR E 137 -6.17 -17.72 22.20
C THR E 137 -7.26 -16.75 22.69
N SER E 138 -6.95 -16.07 23.77
CA SER E 138 -7.84 -15.12 24.44
C SER E 138 -7.01 -13.90 24.88
N TYR E 139 -7.36 -12.70 24.42
CA TYR E 139 -6.57 -11.54 24.75
C TYR E 139 -7.32 -10.26 24.45
N ALA E 140 -6.97 -9.19 25.18
CA ALA E 140 -7.58 -7.87 25.04
C ALA E 140 -6.68 -7.03 24.12
N SER E 141 -7.23 -6.50 23.04
CA SER E 141 -6.49 -5.55 22.18
C SER E 141 -6.62 -4.14 22.68
N PRO E 142 -5.55 -3.36 22.59
CA PRO E 142 -5.65 -2.01 23.11
C PRO E 142 -6.74 -1.26 22.36
N ARG E 143 -7.01 -1.71 21.13
CA ARG E 143 -7.91 -1.00 20.24
C ARG E 143 -9.35 -1.19 20.59
N ASP E 144 -9.65 -2.18 21.43
CA ASP E 144 -11.05 -2.52 21.61
C ASP E 144 -11.86 -1.39 22.20
N ALA E 145 -11.20 -0.57 23.03
CA ALA E 145 -11.95 0.44 23.80
C ALA E 145 -12.56 1.38 22.80
N TRP E 146 -12.00 1.35 21.58
CA TRP E 146 -12.28 2.31 20.51
C TRP E 146 -13.09 1.70 19.35
N LEU E 147 -13.23 0.37 19.34
CA LEU E 147 -14.06 -0.22 18.28
C LEU E 147 -15.55 -0.23 18.63
N TYR E 148 -15.79 -0.20 19.94
CA TYR E 148 -17.13 -0.41 20.51
C TYR E 148 -17.54 0.67 21.43
N GLU E 149 -18.83 0.94 21.50
CA GLU E 149 -19.40 1.52 22.73
C GLU E 149 -19.31 0.53 23.85
N MET F 1 15.22 -27.28 1.20
CA MET F 1 15.62 -25.85 1.19
C MET F 1 15.94 -25.33 2.62
N GLU F 2 16.78 -24.29 2.71
CA GLU F 2 17.10 -23.66 3.98
C GLU F 2 15.85 -23.06 4.63
N ARG F 3 15.73 -23.31 5.94
CA ARG F 3 14.64 -22.81 6.74
C ARG F 3 15.14 -21.94 7.89
N THR F 4 14.28 -21.02 8.34
CA THR F 4 14.53 -20.28 9.55
C THR F 4 13.27 -20.12 10.43
N PHE F 5 13.47 -19.81 11.70
CA PHE F 5 12.33 -19.45 12.56
C PHE F 5 12.14 -17.94 12.68
N LEU F 6 10.90 -17.49 12.49
CA LEU F 6 10.57 -16.06 12.54
C LEU F 6 9.44 -15.97 13.51
N MET F 7 9.40 -14.91 14.29
CA MET F 7 8.28 -14.77 15.16
C MET F 7 7.79 -13.35 15.14
N ILE F 8 6.50 -13.13 14.91
CA ILE F 8 5.97 -11.75 14.97
C ILE F 8 5.63 -11.55 16.42
N LYS F 9 6.10 -10.46 17.00
CA LYS F 9 6.09 -10.35 18.44
C LYS F 9 4.76 -9.74 18.97
N PRO F 10 4.57 -9.72 20.31
CA PRO F 10 3.25 -9.28 20.77
C PRO F 10 2.95 -7.84 20.44
N ASP F 11 3.98 -6.99 20.31
CA ASP F 11 3.73 -5.59 19.96
C ASP F 11 3.07 -5.45 18.57
N ALA F 12 3.56 -6.20 17.57
CA ALA F 12 3.01 -6.09 16.22
C ALA F 12 1.59 -6.69 16.14
N VAL F 13 1.36 -7.74 16.92
CA VAL F 13 0.03 -8.33 17.07
C VAL F 13 -0.94 -7.28 17.61
N GLN F 14 -0.54 -6.60 18.67
CA GLN F 14 -1.40 -5.65 19.35
C GLN F 14 -1.47 -4.32 18.60
N ARG F 15 -0.51 -4.07 17.72
CA ARG F 15 -0.66 -2.92 16.82
C ARG F 15 -1.41 -3.22 15.53
N ASN F 16 -1.86 -4.48 15.35
CA ASN F 16 -2.51 -4.91 14.10
C ASN F 16 -1.63 -4.90 12.82
N LEU F 17 -0.34 -5.21 12.98
CA LEU F 17 0.60 -5.30 11.85
C LEU F 17 0.97 -6.71 11.38
N ILE F 18 0.21 -7.73 11.79
CA ILE F 18 0.50 -9.10 11.36
C ILE F 18 0.56 -9.23 9.81
N GLY F 19 -0.51 -8.77 9.11
CA GLY F 19 -0.57 -8.87 7.65
C GLY F 19 0.55 -8.16 6.96
N GLU F 20 0.81 -6.95 7.41
CA GLU F 20 1.89 -6.12 6.89
C GLU F 20 3.31 -6.78 7.06
N VAL F 21 3.60 -7.34 8.22
CA VAL F 21 4.84 -8.07 8.41
C VAL F 21 4.93 -9.32 7.51
N ILE F 22 3.84 -10.08 7.42
CA ILE F 22 3.82 -11.23 6.55
C ILE F 22 4.01 -10.85 5.07
N SER F 23 3.45 -9.73 4.64
CA SER F 23 3.61 -9.31 3.25
C SER F 23 5.04 -8.94 2.96
N ARG F 24 5.78 -8.39 3.94
CA ARG F 24 7.18 -8.07 3.67
C ARG F 24 8.00 -9.34 3.48
N ILE F 25 7.65 -10.36 4.24
CA ILE F 25 8.32 -11.65 4.14
C ILE F 25 8.00 -12.29 2.82
N GLU F 26 6.71 -12.40 2.49
CA GLU F 26 6.25 -13.00 1.24
C GLU F 26 6.80 -12.30 -0.01
N ARG F 27 6.82 -10.98 0.00
CA ARG F 27 7.17 -10.22 -1.23
C ARG F 27 8.67 -10.34 -1.54
N LYS F 28 9.43 -10.74 -0.54
CA LYS F 28 10.87 -10.98 -0.66
C LYS F 28 11.18 -12.34 -1.33
N GLY F 29 10.20 -13.23 -1.46
CA GLY F 29 10.41 -14.52 -2.09
C GLY F 29 10.48 -15.67 -1.09
N LEU F 30 10.61 -15.36 0.19
CA LEU F 30 10.55 -16.40 1.22
C LEU F 30 9.18 -17.14 1.29
N LYS F 31 9.24 -18.44 1.51
CA LYS F 31 8.02 -19.25 1.56
C LYS F 31 7.64 -19.65 3.00
N LEU F 32 6.47 -19.23 3.41
CA LEU F 32 5.85 -19.59 4.70
C LEU F 32 5.42 -21.05 4.62
N VAL F 33 6.00 -21.87 5.48
CA VAL F 33 5.90 -23.30 5.36
C VAL F 33 5.34 -23.75 6.72
N GLY F 34 5.54 -22.95 7.75
CA GLY F 34 4.83 -23.18 9.03
C GLY F 34 4.36 -21.88 9.65
N GLY F 35 3.21 -21.89 10.31
CA GLY F 35 2.75 -20.64 10.94
C GLY F 35 1.67 -20.93 11.96
N LYS F 36 1.77 -20.32 13.14
CA LYS F 36 0.67 -20.44 14.09
C LYS F 36 0.61 -19.31 15.08
N LEU F 37 -0.60 -18.82 15.38
CA LEU F 37 -0.78 -17.80 16.42
C LEU F 37 -0.90 -18.53 17.79
N MET F 38 -0.19 -18.04 18.78
CA MET F 38 -0.05 -18.80 20.03
C MET F 38 0.42 -17.90 21.12
N GLN F 39 -0.03 -18.22 22.31
CA GLN F 39 0.40 -17.53 23.52
C GLN F 39 1.76 -18.16 23.88
N VAL F 40 2.76 -17.42 24.35
CA VAL F 40 4.04 -18.08 24.66
C VAL F 40 4.12 -18.47 26.13
N PRO F 41 4.16 -19.79 26.42
CA PRO F 41 4.42 -20.27 27.79
C PRO F 41 5.72 -19.74 28.31
N MET F 42 5.73 -19.28 29.57
CA MET F 42 6.92 -18.89 30.33
C MET F 42 8.14 -19.80 30.02
N GLU F 43 7.94 -21.11 30.16
CA GLU F 43 9.03 -22.06 29.99
C GLU F 43 9.63 -21.93 28.59
N LEU F 44 8.74 -21.83 27.60
CA LEU F 44 9.15 -21.73 26.18
C LEU F 44 9.86 -20.40 25.91
N ALA F 45 9.36 -19.33 26.53
CA ALA F 45 10.01 -18.02 26.49
C ALA F 45 11.43 -18.03 27.03
N GLU F 46 11.65 -18.72 28.16
CA GLU F 46 12.97 -18.75 28.82
C GLU F 46 13.89 -19.64 28.07
N THR F 47 13.39 -20.81 27.65
CA THR F 47 14.23 -21.61 26.79
C THR F 47 14.52 -21.07 25.40
N HIS F 48 13.67 -20.15 24.88
CA HIS F 48 13.95 -19.52 23.58
C HIS F 48 15.02 -18.43 23.73
N TYR F 49 14.97 -17.72 24.84
CA TYR F 49 15.82 -16.55 25.03
C TYR F 49 16.88 -16.81 26.12
N GLY F 50 17.21 -18.09 26.34
CA GLY F 50 18.17 -18.51 27.38
C GLY F 50 19.55 -17.82 27.32
N GLU F 51 20.09 -17.65 26.11
CA GLU F 51 21.33 -16.94 25.84
C GLU F 51 21.41 -15.53 26.47
N HIS F 52 20.25 -14.95 26.76
CA HIS F 52 20.19 -13.63 27.40
C HIS F 52 19.86 -13.73 28.90
N GLN F 53 19.86 -14.97 29.46
CA GLN F 53 19.55 -15.25 30.90
C GLN F 53 20.07 -14.20 31.88
N GLY F 54 21.26 -13.64 31.62
CA GLY F 54 21.83 -12.78 32.64
C GLY F 54 21.55 -11.27 32.65
N LYS F 55 21.05 -10.74 31.56
CA LYS F 55 21.28 -9.33 31.21
C LYS F 55 20.26 -8.34 31.78
N PRO F 56 20.53 -7.02 31.63
CA PRO F 56 19.59 -6.02 32.17
C PRO F 56 18.13 -6.20 31.71
N PHE F 57 17.96 -6.46 30.43
CA PHE F 57 16.68 -6.40 29.83
C PHE F 57 15.98 -7.76 29.81
N TYR F 58 16.69 -8.80 30.28
CA TYR F 58 16.14 -10.14 30.18
C TYR F 58 14.74 -10.25 30.76
N ASN F 59 14.53 -9.55 31.87
CA ASN F 59 13.32 -9.74 32.65
C ASN F 59 12.12 -9.10 31.96
N ASP F 60 12.32 -7.87 31.50
CA ASP F 60 11.36 -7.20 30.64
C ASP F 60 11.14 -7.99 29.31
N LEU F 61 12.22 -8.53 28.75
CA LEU F 61 12.15 -9.41 27.57
C LEU F 61 11.18 -10.58 27.73
N ILE F 62 11.31 -11.33 28.81
CA ILE F 62 10.38 -12.47 29.06
C ILE F 62 8.94 -12.05 29.35
N SER F 63 8.77 -10.98 30.08
CA SER F 63 7.41 -10.52 30.38
C SER F 63 6.80 -10.06 29.08
N PHE F 64 7.58 -9.31 28.30
CA PHE F 64 7.04 -8.76 27.07
C PHE F 64 6.62 -9.88 26.12
N ILE F 65 7.46 -10.89 25.93
CA ILE F 65 7.15 -11.93 24.93
C ILE F 65 5.94 -12.78 25.36
N THR F 66 5.71 -12.84 26.67
CA THR F 66 4.61 -13.67 27.20
C THR F 66 3.35 -12.85 27.47
N SER F 67 3.34 -11.57 27.09
CA SER F 67 2.22 -10.70 27.46
C SER F 67 0.99 -10.81 26.56
N ALA F 68 1.14 -11.36 25.37
CA ALA F 68 0.03 -11.50 24.42
C ALA F 68 0.55 -12.38 23.30
N PRO F 69 -0.33 -12.83 22.39
CA PRO F 69 0.09 -13.83 21.42
C PRO F 69 1.17 -13.39 20.42
N VAL F 70 1.90 -14.38 19.90
CA VAL F 70 2.88 -14.13 18.85
C VAL F 70 2.38 -14.87 17.63
N PHE F 71 2.89 -14.53 16.46
CA PHE F 71 2.72 -15.44 15.34
C PHE F 71 4.07 -16.14 15.06
N ALA F 72 4.10 -17.44 15.27
CA ALA F 72 5.34 -18.24 15.16
C ALA F 72 5.47 -18.78 13.72
N MET F 73 6.65 -18.72 13.10
CA MET F 73 6.75 -19.08 11.68
C MET F 73 7.98 -19.89 11.34
N VAL F 74 7.83 -20.76 10.35
CA VAL F 74 8.94 -21.39 9.75
C VAL F 74 8.87 -20.90 8.33
N VAL F 75 9.99 -20.41 7.82
CA VAL F 75 10.05 -19.78 6.51
C VAL F 75 11.21 -20.43 5.73
N GLU F 76 10.99 -20.69 4.46
CA GLU F 76 11.91 -21.49 3.67
C GLU F 76 12.34 -20.66 2.48
N GLY F 77 13.57 -20.90 2.02
CA GLY F 77 14.12 -20.22 0.82
C GLY F 77 15.64 -20.28 0.80
N GLU F 78 16.26 -20.05 -0.36
CA GLU F 78 17.72 -20.04 -0.45
C GLU F 78 18.28 -18.98 0.52
N ASP F 79 19.20 -19.43 1.40
CA ASP F 79 19.85 -18.53 2.35
C ASP F 79 18.80 -17.87 3.26
N ALA F 80 17.70 -18.58 3.51
CA ALA F 80 16.59 -17.97 4.28
C ALA F 80 16.99 -17.33 5.56
N VAL F 81 18.05 -17.81 6.23
CA VAL F 81 18.39 -17.24 7.56
C VAL F 81 18.97 -15.83 7.40
N ASN F 82 19.97 -15.70 6.53
CA ASN F 82 20.60 -14.40 6.35
C ASN F 82 19.68 -13.41 5.61
N VAL F 83 18.90 -13.94 4.68
CA VAL F 83 17.91 -13.15 3.97
C VAL F 83 16.82 -12.57 4.92
N SER F 84 16.30 -13.39 5.85
CA SER F 84 15.39 -12.86 6.88
C SER F 84 15.98 -11.80 7.75
N ARG F 85 17.18 -12.04 8.31
CA ARG F 85 17.81 -11.00 9.14
C ARG F 85 17.98 -9.71 8.37
N HIS F 86 18.30 -9.81 7.09
CA HIS F 86 18.50 -8.62 6.25
C HIS F 86 17.24 -7.70 6.16
N ILE F 87 16.08 -8.27 5.83
CA ILE F 87 14.79 -7.53 5.79
C ILE F 87 14.23 -7.17 7.16
N ILE F 88 14.66 -7.87 8.17
CA ILE F 88 14.18 -7.60 9.50
C ILE F 88 14.89 -6.35 10.01
N GLY F 89 16.20 -6.29 9.72
CA GLY F 89 17.01 -5.12 10.07
C GLY F 89 17.62 -5.25 11.48
N SER F 90 18.58 -4.35 11.83
CA SER F 90 19.23 -4.27 13.14
C SER F 90 18.29 -4.31 14.34
N THR F 91 18.72 -5.00 15.41
CA THR F 91 18.01 -5.08 16.71
C THR F 91 17.36 -3.80 17.18
N ASN F 92 18.14 -2.71 17.17
CA ASN F 92 17.68 -1.40 17.58
C ASN F 92 17.10 -0.70 16.37
N PRO F 93 15.77 -0.45 16.39
CA PRO F 93 15.09 0.16 15.29
C PRO F 93 15.66 1.49 14.81
N SER F 94 16.42 2.22 15.62
CA SER F 94 16.99 3.47 15.06
C SER F 94 18.30 3.26 14.31
N GLU F 95 18.82 2.03 14.36
CA GLU F 95 19.99 1.63 13.57
C GLU F 95 19.57 0.78 12.35
N ALA F 96 18.41 0.15 12.42
CA ALA F 96 17.92 -0.76 11.38
C ALA F 96 17.60 0.02 10.17
N SER F 97 17.99 -0.51 9.00
CA SER F 97 17.88 0.32 7.83
C SER F 97 16.43 0.74 7.60
N PRO F 98 16.22 1.98 7.09
CA PRO F 98 14.88 2.39 6.70
C PRO F 98 14.51 1.45 5.59
N GLY F 99 13.25 1.02 5.52
CA GLY F 99 12.92 -0.05 4.58
C GLY F 99 12.88 -1.47 5.18
N SER F 100 13.54 -1.70 6.31
CA SER F 100 13.51 -3.00 6.96
C SER F 100 12.30 -3.08 7.86
N ILE F 101 11.90 -4.28 8.27
CA ILE F 101 10.81 -4.41 9.19
C ILE F 101 11.00 -3.56 10.49
N ARG F 102 12.16 -3.64 11.15
CA ARG F 102 12.31 -2.89 12.40
C ARG F 102 12.54 -1.39 12.12
N GLY F 103 13.22 -1.09 11.03
CA GLY F 103 13.45 0.26 10.56
C GLY F 103 12.18 1.01 10.35
N ASP F 104 11.15 0.36 9.84
CA ASP F 104 9.92 1.08 9.41
C ASP F 104 8.86 1.10 10.53
N LEU F 105 8.84 0.05 11.35
CA LEU F 105 7.69 -0.27 12.21
C LEU F 105 8.01 -0.27 13.72
N GLY F 106 9.30 -0.44 14.08
CA GLY F 106 9.78 -0.49 15.47
C GLY F 106 10.22 0.88 15.97
N LEU F 107 9.96 1.16 17.24
CA LEU F 107 10.32 2.44 17.82
C LEU F 107 11.56 2.35 18.70
N THR F 108 11.56 1.30 19.55
CA THR F 108 12.57 1.06 20.57
C THR F 108 13.13 -0.37 20.48
N VAL F 109 14.31 -0.55 21.07
CA VAL F 109 14.99 -1.81 20.98
C VAL F 109 14.19 -2.94 21.64
N GLY F 110 13.46 -2.66 22.73
CA GLY F 110 12.71 -3.71 23.43
C GLY F 110 11.38 -4.14 22.77
N ARG F 111 10.89 -3.33 21.85
CA ARG F 111 9.63 -3.62 21.13
C ARG F 111 9.89 -3.45 19.62
N ASN F 112 10.53 -4.46 19.02
CA ASN F 112 11.06 -4.36 17.69
C ASN F 112 10.43 -5.43 16.80
N ILE F 113 9.13 -5.67 17.02
CA ILE F 113 8.28 -6.26 16.01
C ILE F 113 8.50 -7.74 15.69
N ILE F 114 9.72 -8.17 15.44
CA ILE F 114 9.86 -9.52 14.91
C ILE F 114 11.16 -10.10 15.40
N HIS F 115 11.15 -11.40 15.64
CA HIS F 115 12.35 -12.14 15.93
C HIS F 115 12.71 -12.93 14.66
N GLY F 116 13.99 -13.06 14.35
CA GLY F 116 14.45 -14.04 13.37
C GLY F 116 15.67 -14.80 13.86
N SER F 117 15.84 -16.06 13.46
CA SER F 117 17.00 -16.82 13.91
C SER F 117 18.29 -16.16 13.45
N ASP F 118 19.32 -16.23 14.30
CA ASP F 118 20.55 -15.49 14.02
C ASP F 118 21.56 -16.29 13.18
N SER F 119 21.28 -17.54 12.89
CA SER F 119 22.29 -18.45 12.31
C SER F 119 21.60 -19.75 12.05
N LEU F 120 22.24 -20.60 11.24
CA LEU F 120 21.78 -21.95 10.93
C LEU F 120 21.56 -22.81 12.19
N GLU F 121 22.51 -22.73 13.12
CA GLU F 121 22.42 -23.43 14.37
C GLU F 121 21.23 -22.94 15.20
N SER F 122 21.06 -21.63 15.39
CA SER F 122 19.87 -21.24 16.15
C SER F 122 18.57 -21.49 15.38
N ALA F 123 18.61 -21.38 14.06
CA ALA F 123 17.44 -21.71 13.24
C ALA F 123 16.92 -23.09 13.51
N GLU F 124 17.80 -24.11 13.39
CA GLU F 124 17.33 -25.49 13.66
C GLU F 124 16.96 -25.77 15.11
N ARG F 125 17.70 -25.17 16.04
CA ARG F 125 17.30 -25.26 17.45
C ARG F 125 15.91 -24.60 17.70
N GLU F 126 15.72 -23.36 17.25
CA GLU F 126 14.44 -22.62 17.44
C GLU F 126 13.28 -23.30 16.71
N ILE F 127 13.53 -23.82 15.51
CA ILE F 127 12.40 -24.50 14.83
C ILE F 127 11.86 -25.69 15.60
N ASN F 128 12.75 -26.56 16.09
CA ASN F 128 12.33 -27.80 16.79
C ASN F 128 11.69 -27.55 18.13
N LEU F 129 12.11 -26.44 18.70
CA LEU F 129 11.53 -25.92 19.90
C LEU F 129 10.07 -25.43 19.77
N TRP F 130 9.74 -24.77 18.64
CA TRP F 130 8.41 -24.17 18.53
C TRP F 130 7.43 -25.00 17.72
N PHE F 131 7.95 -25.81 16.83
CA PHE F 131 7.13 -26.60 15.95
C PHE F 131 7.47 -28.12 16.04
N ASN F 132 6.49 -29.01 15.85
CA ASN F 132 6.80 -30.41 15.61
C ASN F 132 6.76 -30.55 14.09
N GLU F 133 7.40 -31.54 13.53
CA GLU F 133 7.65 -31.55 12.13
C GLU F 133 6.34 -31.72 11.36
N ASN F 134 5.31 -32.24 12.02
CA ASN F 134 4.04 -32.46 11.38
C ASN F 134 3.27 -31.17 11.20
N GLU F 135 3.73 -30.13 11.91
CA GLU F 135 3.17 -28.78 11.83
C GLU F 135 3.80 -27.99 10.74
N ILE F 136 4.80 -28.57 10.09
CA ILE F 136 5.49 -27.88 9.01
C ILE F 136 5.08 -28.54 7.69
N THR F 137 4.42 -27.77 6.85
CA THR F 137 4.00 -28.18 5.51
C THR F 137 5.18 -28.19 4.53
N SER F 138 5.04 -28.89 3.43
CA SER F 138 6.02 -28.74 2.38
C SER F 138 5.23 -28.67 1.10
N TYR F 139 5.64 -27.79 0.18
CA TYR F 139 4.85 -27.64 -1.06
C TYR F 139 5.67 -26.85 -1.99
N ALA F 140 5.41 -27.07 -3.28
CA ALA F 140 5.98 -26.30 -4.34
C ALA F 140 5.04 -25.11 -4.66
N SER F 141 5.65 -23.97 -4.89
CA SER F 141 4.92 -22.78 -5.27
C SER F 141 5.33 -22.47 -6.68
N PRO F 142 4.41 -21.91 -7.46
CA PRO F 142 4.61 -21.58 -8.87
C PRO F 142 5.72 -20.55 -9.17
N ARG F 143 6.01 -19.65 -8.21
CA ARG F 143 7.09 -18.70 -8.40
C ARG F 143 8.48 -19.32 -8.08
N ASP F 144 8.51 -20.52 -7.51
CA ASP F 144 9.82 -21.14 -7.23
C ASP F 144 10.78 -21.10 -8.47
N ALA F 145 10.25 -21.41 -9.67
CA ALA F 145 11.08 -21.45 -10.88
C ALA F 145 11.43 -20.02 -11.43
N TRP F 146 11.01 -18.98 -10.72
CA TRP F 146 11.31 -17.59 -11.10
C TRP F 146 12.15 -16.85 -10.03
N LEU F 147 12.16 -17.43 -8.81
CA LEU F 147 13.10 -17.01 -7.77
C LEU F 147 14.53 -17.52 -7.97
N TYR F 148 14.69 -18.75 -8.48
CA TYR F 148 15.99 -19.43 -8.51
C TYR F 148 16.40 -19.91 -9.91
N GLU F 149 17.70 -20.00 -10.13
CA GLU F 149 18.26 -20.65 -11.32
C GLU F 149 18.24 -22.16 -11.27
PB ADP G . -16.97 4.20 -20.74
O1B ADP G . -17.09 3.03 -21.71
O2B ADP G . -17.32 3.83 -19.34
O3B ADP G . -15.70 5.00 -20.92
PA ADP G . -18.72 5.76 -22.60
O1A ADP G . -20.20 5.98 -22.45
O2A ADP G . -18.15 5.00 -23.76
O3A ADP G . -18.18 5.21 -21.14
O5' ADP G . -17.92 7.16 -22.71
C5' ADP G . -16.55 7.11 -23.13
C4' ADP G . -15.81 8.27 -22.48
O4' ADP G . -16.43 9.50 -22.81
C3' ADP G . -15.94 8.27 -20.97
O3' ADP G . -15.04 7.38 -20.36
C2' ADP G . -15.67 9.69 -20.59
O2' ADP G . -14.25 9.93 -20.46
C1' ADP G . -16.30 10.45 -21.75
N9 ADP G . -17.65 10.89 -21.32
C8 ADP G . -18.74 10.09 -21.23
N7 ADP G . -19.82 10.79 -20.76
C5 ADP G . -19.43 12.05 -20.55
C6 ADP G . -20.07 13.30 -20.05
N6 ADP G . -21.39 13.32 -19.69
N1 ADP G . -19.30 14.41 -19.95
C2 ADP G . -17.99 14.39 -20.28
N3 ADP G . -17.35 13.29 -20.75
C4 ADP G . -17.99 12.10 -20.89
MG MG H . -18.27 2.91 -24.21
PB ADP I . -23.51 10.74 9.16
O1B ADP I . -23.31 9.57 8.23
O2B ADP I . -22.31 10.96 10.12
O3B ADP I . -23.95 12.01 8.47
PA ADP I . -25.69 10.98 11.10
O1A ADP I . -26.95 10.15 11.11
O2A ADP I . -25.70 12.46 10.74
O3A ADP I . -24.71 10.23 10.09
O5' ADP I . -25.11 10.68 12.54
C5' ADP I . -23.94 11.37 12.96
C4' ADP I . -22.99 10.42 13.66
O4' ADP I . -23.62 10.00 14.86
C3' ADP I . -22.62 9.14 12.91
O3' ADP I . -21.44 9.25 12.11
C2' ADP I . -22.32 8.20 14.06
O2' ADP I . -21.01 8.51 14.55
C1' ADP I . -23.35 8.62 15.11
N9 ADP I . -24.55 7.78 14.97
C8 ADP I . -25.56 7.87 14.09
N7 ADP I . -26.47 6.87 14.31
C5 ADP I . -26.07 6.16 15.37
C6 ADP I . -26.56 5.00 16.14
N6 ADP I . -27.69 4.36 15.87
N1 ADP I . -25.83 4.58 17.17
C2 ADP I . -24.66 5.18 17.48
N3 ADP I . -24.18 6.24 16.85
C4 ADP I . -24.81 6.76 15.79
MG MG J . -25.29 13.78 9.07
PB ADP K . 23.58 -4.88 -12.76
O1B ADP K . 23.25 -4.69 -11.29
O2B ADP K . 22.62 -5.77 -13.55
O3B ADP K . 24.04 -3.61 -13.44
PA ADP K . 25.88 -6.24 -13.86
O1A ADP K . 27.06 -6.87 -13.15
O2A ADP K . 26.02 -5.05 -14.80
O3A ADP K . 24.88 -5.85 -12.62
O5' ADP K . 24.98 -7.24 -14.75
C5' ADP K . 24.92 -8.60 -14.46
C4' ADP K . 23.48 -9.01 -14.43
O4' ADP K . 23.62 -10.40 -14.70
C3' ADP K . 22.87 -8.85 -13.03
O3' ADP K . 21.82 -7.86 -12.95
C2' ADP K . 22.36 -10.23 -12.72
O2' ADP K . 20.99 -10.39 -13.09
C1' ADP K . 23.22 -11.15 -13.59
N9 ADP K . 24.37 -11.59 -12.77
C8 ADP K . 25.44 -10.85 -12.40
N7 ADP K . 26.26 -11.58 -11.62
C5 ADP K . 25.72 -12.80 -11.48
C6 ADP K . 26.11 -14.05 -10.79
N6 ADP K . 27.27 -14.09 -10.07
N1 ADP K . 25.28 -15.11 -10.91
C2 ADP K . 24.13 -15.05 -11.62
N3 ADP K . 23.72 -13.94 -12.29
C4 ADP K . 24.48 -12.81 -12.25
PB ADP L . 18.20 18.97 6.65
O1B ADP L . 18.40 17.53 6.20
O2B ADP L . 16.95 19.70 6.13
O3B ADP L . 18.39 19.07 8.16
PA ADP L . 19.88 21.32 6.01
O1A ADP L . 21.35 21.39 5.89
O2A ADP L . 19.21 21.94 7.23
O3A ADP L . 19.44 19.74 5.89
O5' ADP L . 19.20 22.05 4.78
C5' ADP L . 17.96 22.70 5.03
C4' ADP L . 17.16 22.55 3.77
O4' ADP L . 17.80 23.42 2.82
C3' ADP L . 17.26 21.16 3.13
O3' ADP L . 16.41 20.11 3.63
C2' ADP L . 17.01 21.50 1.67
O2' ADP L . 15.63 21.73 1.43
C1' ADP L . 17.80 22.81 1.52
N9 ADP L . 19.19 22.48 1.12
C8 ADP L . 20.21 21.99 1.89
N7 ADP L . 21.36 21.83 1.16
C5 ADP L . 21.06 22.21 -0.10
C6 ADP L . 21.79 22.31 -1.37
N6 ADP L . 23.11 21.94 -1.45
N1 ADP L . 21.10 22.79 -2.43
C2 ADP L . 19.80 23.16 -2.38
N3 ADP L . 19.08 23.11 -1.26
C4 ADP L . 19.64 22.64 -0.12
MG MG M . 19.45 21.31 9.32
PB ADP N . -19.44 -18.96 -0.11
O1B ADP N . -19.49 -17.53 -0.70
O2B ADP N . -18.09 -19.61 -0.17
O3B ADP N . -20.21 -19.08 1.16
PA ADP N . -20.91 -21.31 -1.18
O1A ADP N . -22.13 -21.23 -2.09
O2A ADP N . -21.05 -21.83 0.20
O3A ADP N . -20.29 -19.83 -1.18
O5' ADP N . -19.78 -22.20 -1.93
C5' ADP N . -18.53 -22.51 -1.30
C4' ADP N . -17.40 -22.50 -2.32
O4' ADP N . -17.71 -23.35 -3.44
C3' ADP N . -17.17 -21.12 -2.96
O3' ADP N . -16.37 -20.38 -2.04
C2' ADP N . -16.41 -21.55 -4.20
O2' ADP N . -15.07 -21.87 -3.76
C1' ADP N . -17.11 -22.85 -4.62
N9 ADP N . -18.17 -22.61 -5.60
C8 ADP N . -19.42 -22.17 -5.31
N7 ADP N . -20.14 -22.03 -6.43
C5 ADP N . -19.36 -22.43 -7.47
C6 ADP N . -19.52 -22.51 -8.94
N6 ADP N . -20.70 -22.20 -9.52
N1 ADP N . -18.48 -22.97 -9.67
C2 ADP N . -17.29 -23.29 -9.08
N3 ADP N . -17.10 -23.24 -7.76
C4 ADP N . -18.07 -22.82 -6.92
MG MG O . -21.76 -21.06 1.92
PB ADP P . 17.95 -9.91 17.69
O1B ADP P . 18.25 -8.75 16.74
O2B ADP P . 16.60 -9.98 18.35
O3B ADP P . 18.42 -11.29 17.25
PA ADP P . 19.43 -10.31 20.20
O1A ADP P . 20.43 -9.37 20.81
O2A ADP P . 19.81 -11.75 19.92
O3A ADP P . 18.99 -9.45 18.88
O5' ADP P . 17.97 -10.53 20.87
C5' ADP P . 17.53 -10.09 22.14
C4' ADP P . 16.18 -9.40 22.01
O4' ADP P . 15.96 -8.80 23.30
C3' ADP P . 16.19 -8.25 21.00
O3' ADP P . 15.49 -8.49 19.80
C2' ADP P . 15.59 -7.08 21.76
O2' ADP P . 14.17 -7.03 21.69
C1' ADP P . 15.97 -7.37 23.21
N9 ADP P . 17.26 -6.64 23.46
C8 ADP P . 18.51 -6.91 23.02
N7 ADP P . 19.38 -5.94 23.43
C5 ADP P . 18.69 -5.02 24.13
C6 ADP P . 18.97 -3.74 24.86
N6 ADP P . 20.24 -3.24 24.91
N1 ADP P . 17.93 -3.09 25.45
C2 ADP P . 16.66 -3.59 25.40
N3 ADP P . 16.32 -4.74 24.77
C4 ADP P . 17.28 -5.49 24.13
MG MG Q . 21.06 -13.30 18.92
#